data_4COK
#
_entry.id   4COK
#
_cell.length_a   129.070
_cell.length_b   140.960
_cell.length_c   91.060
_cell.angle_alpha   90.00
_cell.angle_beta   125.78
_cell.angle_gamma   90.00
#
_symmetry.space_group_name_H-M   'C 1 2 1'
#
loop_
_entity.id
_entity.type
_entity.pdbx_description
1 polymer 'PYRUVATE DECARBOXYLASE'
2 non-polymer 'THIAMINE DIPHOSPHATE'
3 non-polymer 'MAGNESIUM ION'
4 non-polymer 'SULFATE ION'
5 water water
#
_entity_poly.entity_id   1
_entity_poly.type   'polypeptide(L)'
_entity_poly.pdbx_seq_one_letter_code
;MTYTVGRYLADRLAQIGLKHHFAVAGDYNLVLLDQLLLNTDMQQIYCSNELNCGFSAEGYARANGAAAAIVTFSVGALSA
FNALGGAYAENLPVILISGAPNANDHGTGHILHHTLGTTDYGYQLEMARHITCAAESIVAAEDAPAKIDHVIRTALREKK
PAYLEIACNVAGAPCVRPGGIDALLSPPAPDEASLKAAVDAALAFIEQRGSVTMLVGSRIRAAGAQAQAVALADALGCAV
TTMAAAKSFFPEDHPGYRGHYWGEVSSPGAQQAVEGADGVICLAPVFNDYATVGWSAWPKGDNVMLVERHAVTVGGVAYA
GIDMRDFLTRLAAHTVRRDATARGGAYVTPQTPAAAPTAPLNNAEMARQIGALLTPRTTLTAETGDSWFNAVRMKLPHGA
RVELEMQWGHIGWSVPAAFGNALAAPERQHVLMVGDGSFQLTAQEVAQMIRHDLPVIIFLINNHGYTIEVMIHDGPYNNV
KNWDYAGLMEVFNAGEGNGLGLRARTGGELAAAIEQARANRNGPTLIECTLDRDDCTQELVTWGKRVAAANARPPRAG
;
_entity_poly.pdbx_strand_id   A,B
#
# COMPACT_ATOMS: atom_id res chain seq x y z
N MET A 1 -33.27 -12.72 -3.80
CA MET A 1 -34.29 -13.57 -3.11
C MET A 1 -33.69 -14.68 -2.20
N THR A 2 -32.94 -15.69 -2.71
CA THR A 2 -32.33 -16.69 -1.73
C THR A 2 -31.26 -15.90 -0.88
N TYR A 3 -31.24 -16.24 0.40
CA TYR A 3 -30.38 -15.50 1.29
C TYR A 3 -28.97 -16.11 1.12
N THR A 4 -27.91 -15.26 1.18
CA THR A 4 -26.57 -15.71 0.69
C THR A 4 -25.55 -15.48 1.77
N VAL A 5 -24.35 -16.06 1.54
CA VAL A 5 -23.24 -15.82 2.51
C VAL A 5 -22.89 -14.33 2.61
N GLY A 6 -22.89 -13.61 1.47
CA GLY A 6 -22.54 -12.16 1.58
C GLY A 6 -23.62 -11.36 2.30
N ARG A 7 -24.90 -11.77 2.18
CA ARG A 7 -25.98 -11.06 2.98
C ARG A 7 -25.81 -11.37 4.47
N TYR A 8 -25.36 -12.56 4.84
CA TYR A 8 -25.17 -12.91 6.26
C TYR A 8 -24.08 -11.92 6.83
N LEU A 9 -22.99 -11.74 6.06
CA LEU A 9 -21.96 -10.79 6.52
C LEU A 9 -22.54 -9.41 6.59
N ALA A 10 -23.26 -8.97 5.54
CA ALA A 10 -23.81 -7.58 5.49
C ALA A 10 -24.70 -7.34 6.74
N ASP A 11 -25.55 -8.32 7.05
CA ASP A 11 -26.54 -8.13 8.11
C ASP A 11 -25.85 -8.13 9.47
N ARG A 12 -24.79 -8.96 9.62
CA ARG A 12 -24.07 -8.90 10.88
C ARG A 12 -23.32 -7.52 11.01
N LEU A 13 -22.73 -7.02 9.93
CA LEU A 13 -22.06 -5.75 9.98
C LEU A 13 -23.06 -4.63 10.34
N ALA A 14 -24.24 -4.67 9.76
CA ALA A 14 -25.27 -3.66 10.15
C ALA A 14 -25.64 -3.84 11.64
N GLN A 15 -25.74 -5.11 12.06
CA GLN A 15 -26.16 -5.39 13.44
C GLN A 15 -25.19 -4.82 14.45
N ILE A 16 -23.88 -4.79 14.14
CA ILE A 16 -22.91 -4.27 15.12
C ILE A 16 -22.83 -2.74 14.99
N GLY A 17 -23.68 -2.14 14.16
CA GLY A 17 -23.80 -0.66 14.16
C GLY A 17 -23.12 0.06 13.01
N LEU A 18 -22.57 -0.67 12.03
CA LEU A 18 -21.97 0.08 10.90
C LEU A 18 -23.03 0.72 10.07
N LYS A 19 -22.84 1.96 9.68
CA LYS A 19 -23.72 2.63 8.71
CA LYS A 19 -23.74 2.57 8.70
C LYS A 19 -23.07 2.74 7.32
N HIS A 20 -21.81 2.27 7.25
CA HIS A 20 -21.04 2.39 5.98
C HIS A 20 -20.00 1.22 6.04
N HIS A 21 -19.57 0.80 4.85
CA HIS A 21 -18.34 0.01 4.75
C HIS A 21 -17.65 0.49 3.50
N PHE A 22 -16.34 0.15 3.44
CA PHE A 22 -15.47 0.74 2.44
C PHE A 22 -15.00 -0.31 1.49
N ALA A 23 -14.86 0.02 0.19
CA ALA A 23 -14.50 -1.08 -0.66
C ALA A 23 -13.72 -0.57 -1.86
N VAL A 24 -12.91 -1.51 -2.39
CA VAL A 24 -12.34 -1.32 -3.78
C VAL A 24 -12.70 -2.63 -4.53
N ALA A 25 -13.34 -2.43 -5.68
CA ALA A 25 -13.88 -3.58 -6.44
C ALA A 25 -12.66 -4.36 -7.04
N GLY A 26 -12.86 -5.67 -7.22
CA GLY A 26 -12.00 -6.49 -8.11
C GLY A 26 -12.81 -7.75 -8.43
N ASP A 27 -12.42 -8.51 -9.48
CA ASP A 27 -13.28 -9.64 -9.80
C ASP A 27 -13.53 -10.62 -8.69
N TYR A 28 -12.55 -10.82 -7.76
CA TYR A 28 -12.79 -11.77 -6.70
C TYR A 28 -13.80 -11.30 -5.67
N ASN A 29 -14.20 -10.02 -5.68
CA ASN A 29 -15.17 -9.56 -4.63
C ASN A 29 -16.44 -9.00 -5.24
N LEU A 30 -16.64 -9.02 -6.55
CA LEU A 30 -17.81 -8.30 -7.05
C LEU A 30 -19.10 -8.87 -6.57
N VAL A 31 -19.25 -10.20 -6.63
CA VAL A 31 -20.52 -10.83 -6.14
C VAL A 31 -20.73 -10.47 -4.70
N LEU A 32 -19.66 -10.49 -3.90
CA LEU A 32 -19.77 -10.11 -2.51
C LEU A 32 -20.24 -8.67 -2.37
N LEU A 33 -19.64 -7.74 -3.13
CA LEU A 33 -20.11 -6.34 -3.02
C LEU A 33 -21.57 -6.24 -3.44
N ASP A 34 -22.04 -7.03 -4.44
CA ASP A 34 -23.47 -7.01 -4.77
C ASP A 34 -24.33 -7.48 -3.61
N GLN A 35 -23.88 -8.48 -2.83
CA GLN A 35 -24.65 -8.89 -1.66
C GLN A 35 -24.62 -7.83 -0.58
N LEU A 36 -23.49 -7.20 -0.38
CA LEU A 36 -23.43 -6.13 0.66
C LEU A 36 -24.41 -4.97 0.30
N LEU A 37 -24.53 -4.64 -1.00
CA LEU A 37 -25.40 -3.57 -1.44
C LEU A 37 -26.86 -3.86 -1.07
N LEU A 38 -27.23 -5.13 -0.87
CA LEU A 38 -28.64 -5.42 -0.56
C LEU A 38 -29.02 -4.96 0.81
N ASN A 39 -28.05 -4.66 1.71
CA ASN A 39 -28.42 -4.22 3.04
C ASN A 39 -28.61 -2.71 3.02
N THR A 40 -29.80 -2.23 3.29
CA THR A 40 -30.01 -0.79 3.06
C THR A 40 -29.76 -0.03 4.38
N ASP A 41 -29.36 -0.70 5.44
CA ASP A 41 -28.86 0.01 6.65
C ASP A 41 -27.45 0.61 6.51
N MET A 42 -26.71 0.18 5.48
CA MET A 42 -25.38 0.69 5.23
C MET A 42 -25.24 1.29 3.85
N GLN A 43 -24.30 2.21 3.73
CA GLN A 43 -23.91 2.73 2.40
CA GLN A 43 -23.91 2.70 2.41
C GLN A 43 -22.57 2.09 2.06
N GLN A 44 -22.42 1.64 0.85
CA GLN A 44 -21.11 1.10 0.42
C GLN A 44 -20.33 2.23 -0.19
N ILE A 45 -19.12 2.47 0.36
CA ILE A 45 -18.31 3.65 0.00
C ILE A 45 -17.08 3.15 -0.79
N TYR A 46 -16.77 3.77 -1.93
CA TYR A 46 -15.64 3.31 -2.77
C TYR A 46 -14.41 4.14 -2.53
N CYS A 47 -13.24 3.50 -2.39
CA CYS A 47 -12.00 4.24 -2.08
C CYS A 47 -11.06 4.24 -3.29
N SER A 48 -10.10 5.19 -3.31
CA SER A 48 -9.24 5.32 -4.52
C SER A 48 -8.29 4.15 -4.61
N ASN A 49 -7.81 3.69 -3.45
CA ASN A 49 -6.84 2.54 -3.41
C ASN A 49 -7.04 1.82 -2.07
N GLU A 50 -6.42 0.64 -1.93
CA GLU A 50 -6.71 -0.20 -0.78
C GLU A 50 -6.02 0.26 0.49
N LEU A 51 -4.86 0.93 0.36
CA LEU A 51 -4.23 1.47 1.65
C LEU A 51 -5.28 2.51 2.18
N ASN A 52 -5.77 3.37 1.31
CA ASN A 52 -6.71 4.41 1.72
C ASN A 52 -8.03 3.81 2.18
N CYS A 53 -8.44 2.72 1.54
CA CYS A 53 -9.70 1.99 2.00
C CYS A 53 -9.53 1.52 3.47
N GLY A 54 -8.36 0.91 3.75
CA GLY A 54 -8.18 0.36 5.11
C GLY A 54 -8.11 1.55 6.09
N PHE A 55 -7.38 2.62 5.75
CA PHE A 55 -7.25 3.71 6.74
C PHE A 55 -8.59 4.51 6.84
N SER A 56 -9.42 4.52 5.81
CA SER A 56 -10.78 5.11 6.01
C SER A 56 -11.57 4.28 6.98
N ALA A 57 -11.46 2.95 6.95
CA ALA A 57 -12.16 2.08 7.91
C ALA A 57 -11.57 2.37 9.29
N GLU A 58 -10.23 2.51 9.40
CA GLU A 58 -9.64 2.74 10.73
C GLU A 58 -10.20 4.05 11.31
N GLY A 59 -10.29 5.12 10.48
CA GLY A 59 -10.78 6.44 11.03
C GLY A 59 -12.27 6.29 11.34
N TYR A 60 -13.05 5.55 10.53
CA TYR A 60 -14.48 5.33 10.79
C TYR A 60 -14.64 4.63 12.18
N ALA A 61 -13.79 3.62 12.46
CA ALA A 61 -13.93 2.83 13.71
C ALA A 61 -13.63 3.76 14.92
N ARG A 62 -12.81 4.78 14.74
CA ARG A 62 -12.50 5.65 15.92
C ARG A 62 -13.77 6.35 16.43
N ALA A 63 -14.66 6.64 15.51
CA ALA A 63 -15.95 7.33 15.86
C ALA A 63 -17.08 6.38 16.04
N ASN A 64 -17.16 5.38 15.18
CA ASN A 64 -18.34 4.47 15.23
C ASN A 64 -18.14 3.39 16.25
N GLY A 65 -16.91 2.89 16.45
CA GLY A 65 -16.66 1.73 17.29
C GLY A 65 -16.12 0.55 16.51
N ALA A 66 -16.48 0.46 15.23
CA ALA A 66 -15.98 -0.68 14.43
C ALA A 66 -16.02 -0.24 12.99
N ALA A 67 -15.52 -1.07 12.07
CA ALA A 67 -15.61 -0.71 10.67
C ALA A 67 -15.33 -1.93 9.80
N ALA A 68 -15.58 -1.79 8.48
CA ALA A 68 -15.23 -2.91 7.61
C ALA A 68 -14.73 -2.34 6.33
N ALA A 69 -13.79 -3.09 5.76
CA ALA A 69 -13.28 -2.75 4.43
C ALA A 69 -13.28 -4.03 3.61
N ILE A 70 -13.55 -3.89 2.31
CA ILE A 70 -13.68 -5.03 1.42
C ILE A 70 -12.69 -4.79 0.24
N VAL A 71 -11.87 -5.80 0.01
CA VAL A 71 -10.81 -5.66 -1.06
C VAL A 71 -10.68 -6.96 -1.85
N THR A 72 -9.87 -6.88 -2.94
CA THR A 72 -9.73 -8.09 -3.71
C THR A 72 -8.47 -8.82 -3.31
N PHE A 73 -8.37 -10.06 -3.72
CA PHE A 73 -7.23 -10.91 -3.31
C PHE A 73 -5.87 -10.39 -3.72
N SER A 74 -4.97 -10.42 -2.73
CA SER A 74 -3.55 -10.17 -2.88
CA SER A 74 -3.52 -10.08 -2.86
C SER A 74 -3.22 -8.71 -3.26
N VAL A 75 -3.53 -8.30 -4.51
CA VAL A 75 -3.24 -6.91 -4.88
C VAL A 75 -4.00 -5.89 -4.07
N GLY A 76 -5.14 -6.30 -3.52
CA GLY A 76 -5.91 -5.37 -2.68
C GLY A 76 -5.46 -5.59 -1.21
N ALA A 77 -5.53 -6.81 -0.78
CA ALA A 77 -5.36 -7.05 0.66
C ALA A 77 -3.97 -6.70 1.12
N LEU A 78 -2.90 -6.90 0.32
CA LEU A 78 -1.58 -6.70 0.91
CA LEU A 78 -1.57 -6.69 0.84
C LEU A 78 -1.38 -5.20 1.24
N SER A 79 -1.99 -4.27 0.49
CA SER A 79 -1.84 -2.83 0.88
C SER A 79 -2.76 -2.54 2.08
N ALA A 80 -3.94 -3.18 2.11
CA ALA A 80 -4.83 -3.00 3.26
C ALA A 80 -4.25 -3.57 4.52
N PHE A 81 -3.28 -4.49 4.38
CA PHE A 81 -2.66 -4.99 5.62
C PHE A 81 -1.85 -3.93 6.38
N ASN A 82 -1.27 -2.94 5.73
CA ASN A 82 -0.56 -1.85 6.45
C ASN A 82 -1.60 -1.15 7.35
N ALA A 83 -2.73 -0.87 6.74
CA ALA A 83 -3.79 -0.23 7.54
C ALA A 83 -4.34 -1.16 8.59
N LEU A 84 -4.44 -2.49 8.32
CA LEU A 84 -4.95 -3.46 9.34
C LEU A 84 -3.99 -3.58 10.51
N GLY A 85 -2.69 -3.67 10.18
CA GLY A 85 -1.65 -3.64 11.26
C GLY A 85 -1.82 -2.26 12.03
N GLY A 86 -2.12 -1.20 11.32
CA GLY A 86 -2.35 0.08 12.04
C GLY A 86 -3.59 0.05 12.95
N ALA A 87 -4.64 -0.64 12.51
CA ALA A 87 -5.81 -0.81 13.49
C ALA A 87 -5.46 -1.69 14.69
N TYR A 88 -4.56 -2.69 14.54
CA TYR A 88 -4.21 -3.51 15.66
C TYR A 88 -3.42 -2.53 16.63
N ALA A 89 -2.46 -1.82 16.07
CA ALA A 89 -1.60 -0.91 16.85
C ALA A 89 -2.41 0.12 17.63
N GLU A 90 -3.56 0.49 17.08
CA GLU A 90 -4.39 1.57 17.66
C GLU A 90 -5.64 1.02 18.30
N ASN A 91 -5.73 -0.33 18.50
CA ASN A 91 -6.84 -0.96 19.27
C ASN A 91 -8.23 -0.69 18.65
N LEU A 92 -8.35 -0.92 17.34
CA LEU A 92 -9.64 -0.64 16.66
C LEU A 92 -10.14 -1.87 15.95
N PRO A 93 -11.40 -2.24 16.18
CA PRO A 93 -11.87 -3.52 15.53
C PRO A 93 -12.35 -3.21 14.12
N VAL A 94 -11.38 -3.18 13.21
CA VAL A 94 -11.68 -3.11 11.77
C VAL A 94 -11.74 -4.56 11.24
N ILE A 95 -12.74 -4.87 10.43
CA ILE A 95 -12.78 -6.21 9.82
C ILE A 95 -12.39 -5.97 8.37
N LEU A 96 -11.35 -6.66 7.93
CA LEU A 96 -10.95 -6.63 6.51
C LEU A 96 -11.49 -7.90 5.90
N ILE A 97 -12.27 -7.76 4.82
CA ILE A 97 -12.80 -8.94 4.12
C ILE A 97 -12.17 -8.89 2.74
N SER A 98 -11.53 -10.00 2.34
CA SER A 98 -11.00 -10.03 0.96
C SER A 98 -11.75 -11.07 0.16
N GLY A 99 -11.97 -10.73 -1.13
CA GLY A 99 -12.48 -11.78 -2.05
C GLY A 99 -11.30 -12.74 -2.24
N ALA A 100 -11.55 -13.97 -2.70
CA ALA A 100 -10.49 -14.95 -2.77
C ALA A 100 -10.85 -15.95 -3.91
N PRO A 101 -9.89 -16.81 -4.26
CA PRO A 101 -10.09 -17.78 -5.39
C PRO A 101 -11.40 -18.56 -5.27
N ASN A 102 -11.89 -18.92 -6.45
CA ASN A 102 -13.03 -19.88 -6.53
C ASN A 102 -12.66 -21.17 -5.76
N ALA A 103 -13.58 -21.67 -4.88
CA ALA A 103 -13.23 -22.82 -4.05
C ALA A 103 -12.83 -24.07 -4.87
N ASN A 104 -13.30 -24.13 -6.12
CA ASN A 104 -13.03 -25.35 -6.97
C ASN A 104 -11.57 -25.29 -7.44
N ASP A 105 -10.89 -24.13 -7.29
CA ASP A 105 -9.47 -24.09 -7.67
C ASP A 105 -8.64 -24.66 -6.56
N HIS A 106 -9.17 -24.78 -5.34
CA HIS A 106 -8.24 -25.37 -4.34
C HIS A 106 -8.01 -26.87 -4.65
N GLY A 107 -6.78 -27.35 -4.41
CA GLY A 107 -6.55 -28.78 -4.67
C GLY A 107 -6.25 -29.11 -6.13
N THR A 108 -6.04 -28.05 -6.95
CA THR A 108 -5.88 -28.33 -8.42
C THR A 108 -4.48 -28.01 -8.89
N GLY A 109 -3.74 -27.20 -8.13
CA GLY A 109 -2.47 -26.69 -8.73
C GLY A 109 -2.65 -25.54 -9.77
N HIS A 110 -3.90 -25.06 -10.00
CA HIS A 110 -4.08 -23.93 -10.90
C HIS A 110 -3.33 -22.70 -10.44
N ILE A 111 -2.71 -22.04 -11.39
CA ILE A 111 -2.10 -20.74 -11.09
C ILE A 111 -3.10 -19.67 -11.39
N LEU A 112 -3.21 -18.70 -10.46
CA LEU A 112 -4.35 -17.72 -10.62
C LEU A 112 -3.84 -16.27 -10.68
N HIS A 113 -4.66 -15.43 -11.32
CA HIS A 113 -4.27 -13.99 -11.36
C HIS A 113 -4.31 -13.40 -9.95
N HIS A 114 -3.49 -12.40 -9.82
CA HIS A 114 -3.23 -11.72 -8.50
C HIS A 114 -2.42 -12.52 -7.50
N THR A 115 -1.89 -13.66 -7.86
CA THR A 115 -1.11 -14.39 -6.87
C THR A 115 0.34 -14.37 -7.27
N LEU A 116 1.14 -15.04 -6.45
CA LEU A 116 2.62 -15.08 -6.66
C LEU A 116 3.00 -15.92 -7.85
N GLY A 117 2.01 -16.59 -8.48
CA GLY A 117 2.44 -17.40 -9.59
C GLY A 117 2.78 -18.84 -9.22
N THR A 118 2.54 -19.20 -7.95
CA THR A 118 2.85 -20.53 -7.44
C THR A 118 1.56 -21.24 -7.10
N THR A 119 1.63 -22.51 -6.66
CA THR A 119 0.39 -23.21 -6.39
C THR A 119 -0.24 -22.82 -4.99
N ASP A 120 0.35 -21.85 -4.35
CA ASP A 120 0.06 -21.41 -2.93
CA ASP A 120 -0.17 -21.58 -3.03
C ASP A 120 -1.10 -20.37 -3.02
N TYR A 121 -2.28 -20.61 -2.40
CA TYR A 121 -3.20 -19.53 -2.19
C TYR A 121 -3.27 -19.16 -0.71
N GLY A 122 -2.52 -19.84 0.13
CA GLY A 122 -2.78 -19.65 1.61
C GLY A 122 -1.85 -18.55 2.17
N TYR A 123 -0.94 -17.98 1.37
CA TYR A 123 0.07 -17.01 1.95
C TYR A 123 -0.65 -15.78 2.49
N GLN A 124 -1.78 -15.38 1.88
CA GLN A 124 -2.43 -14.13 2.26
C GLN A 124 -3.04 -14.30 3.69
N LEU A 125 -3.77 -15.39 3.90
CA LEU A 125 -4.28 -15.75 5.28
CA LEU A 125 -4.29 -15.61 5.29
C LEU A 125 -3.12 -15.82 6.27
N GLU A 126 -2.03 -16.50 5.86
CA GLU A 126 -0.92 -16.69 6.77
CA GLU A 126 -0.92 -16.68 6.79
C GLU A 126 -0.30 -15.33 7.19
N MET A 127 -0.16 -14.41 6.23
CA MET A 127 0.35 -13.09 6.54
C MET A 127 -0.65 -12.33 7.46
N ALA A 128 -1.95 -12.47 7.21
CA ALA A 128 -2.94 -11.70 7.91
C ALA A 128 -2.91 -12.18 9.39
N ARG A 129 -2.56 -13.46 9.66
CA ARG A 129 -2.65 -13.86 11.05
CA ARG A 129 -2.53 -13.96 11.04
C ARG A 129 -1.65 -13.10 11.94
N HIS A 130 -0.61 -12.54 11.36
CA HIS A 130 0.30 -11.79 12.20
C HIS A 130 -0.16 -10.42 12.61
N ILE A 131 -1.27 -9.90 12.06
CA ILE A 131 -1.66 -8.51 12.33
C ILE A 131 -3.11 -8.47 12.73
N THR A 132 -3.68 -9.63 13.18
CA THR A 132 -5.13 -9.59 13.55
C THR A 132 -5.28 -10.46 14.82
N CYS A 133 -6.45 -10.40 15.40
CA CYS A 133 -6.79 -11.32 16.49
C CYS A 133 -7.58 -12.57 16.00
N ALA A 134 -8.08 -12.56 14.74
CA ALA A 134 -8.84 -13.73 14.23
C ALA A 134 -8.66 -13.56 12.73
N ALA A 135 -8.65 -14.71 12.07
CA ALA A 135 -8.36 -14.71 10.59
C ALA A 135 -8.99 -16.02 10.09
N GLU A 136 -9.99 -15.91 9.20
CA GLU A 136 -10.68 -17.12 8.73
C GLU A 136 -10.86 -17.04 7.19
N SER A 137 -10.96 -18.24 6.58
CA SER A 137 -11.21 -18.30 5.14
C SER A 137 -12.50 -19.16 4.94
N ILE A 138 -13.48 -18.62 4.21
CA ILE A 138 -14.65 -19.37 3.88
C ILE A 138 -14.51 -19.95 2.48
N VAL A 139 -14.63 -21.31 2.38
CA VAL A 139 -14.62 -21.89 1.03
C VAL A 139 -15.91 -22.67 0.86
N ALA A 140 -16.75 -22.76 1.89
CA ALA A 140 -18.06 -23.53 1.82
C ALA A 140 -19.11 -22.75 2.60
N ALA A 141 -20.29 -22.58 2.03
CA ALA A 141 -21.33 -21.76 2.65
C ALA A 141 -21.74 -22.28 3.98
N GLU A 142 -21.69 -23.61 4.20
CA GLU A 142 -22.08 -24.24 5.49
CA GLU A 142 -22.18 -24.11 5.47
C GLU A 142 -21.26 -23.68 6.64
N ASP A 143 -19.99 -23.33 6.35
CA ASP A 143 -19.06 -22.84 7.40
C ASP A 143 -19.20 -21.35 7.61
N ALA A 144 -19.91 -20.65 6.71
CA ALA A 144 -19.74 -19.16 6.71
C ALA A 144 -20.30 -18.52 8.01
N PRO A 145 -21.41 -19.01 8.58
CA PRO A 145 -21.92 -18.31 9.79
C PRO A 145 -20.92 -18.38 10.94
N ALA A 146 -20.40 -19.56 11.24
CA ALA A 146 -19.40 -19.68 12.36
C ALA A 146 -18.17 -18.83 12.09
N LYS A 147 -17.67 -18.75 10.86
CA LYS A 147 -16.45 -17.96 10.64
CA LYS A 147 -16.46 -17.97 10.66
C LYS A 147 -16.72 -16.47 10.65
N ILE A 148 -17.85 -16.01 10.07
CA ILE A 148 -18.18 -14.57 10.11
C ILE A 148 -18.43 -14.20 11.60
N ASP A 149 -19.17 -15.00 12.32
CA ASP A 149 -19.48 -14.59 13.73
C ASP A 149 -18.19 -14.69 14.56
N HIS A 150 -17.30 -15.70 14.34
CA HIS A 150 -16.03 -15.72 15.14
C HIS A 150 -15.20 -14.46 14.88
N VAL A 151 -15.07 -14.04 13.62
CA VAL A 151 -14.16 -12.87 13.37
CA VAL A 151 -14.20 -12.90 13.30
C VAL A 151 -14.77 -11.62 13.96
N ILE A 152 -16.11 -11.45 13.80
CA ILE A 152 -16.67 -10.18 14.32
C ILE A 152 -16.76 -10.21 15.87
N ARG A 153 -17.19 -11.33 16.47
CA ARG A 153 -17.25 -11.33 17.93
CA ARG A 153 -17.22 -11.48 17.96
C ARG A 153 -15.87 -11.19 18.56
N THR A 154 -14.86 -11.81 17.93
CA THR A 154 -13.47 -11.77 18.55
C THR A 154 -12.94 -10.32 18.44
N ALA A 155 -13.08 -9.71 17.23
CA ALA A 155 -12.59 -8.35 17.04
C ALA A 155 -13.25 -7.39 18.07
N LEU A 156 -14.57 -7.51 18.22
CA LEU A 156 -15.26 -6.56 19.15
C LEU A 156 -14.87 -6.80 20.59
N ARG A 157 -14.68 -8.05 20.99
CA ARG A 157 -14.22 -8.37 22.37
C ARG A 157 -12.81 -7.86 22.59
N GLU A 158 -11.89 -8.12 21.64
CA GLU A 158 -10.47 -7.80 21.87
CA GLU A 158 -10.49 -7.76 21.87
C GLU A 158 -10.15 -6.29 21.58
N LYS A 159 -11.03 -5.59 20.81
CA LYS A 159 -10.75 -4.25 20.30
CA LYS A 159 -10.77 -4.24 20.22
C LYS A 159 -9.49 -4.39 19.43
N LYS A 160 -9.52 -5.37 18.49
CA LYS A 160 -8.38 -5.53 17.55
C LYS A 160 -9.02 -5.94 16.24
N PRO A 161 -8.30 -5.75 15.12
CA PRO A 161 -8.96 -6.03 13.83
C PRO A 161 -8.93 -7.53 13.54
N ALA A 162 -9.68 -7.93 12.51
CA ALA A 162 -9.76 -9.33 12.17
C ALA A 162 -9.84 -9.44 10.63
N TYR A 163 -9.61 -10.65 10.13
CA TYR A 163 -9.51 -10.86 8.64
C TYR A 163 -10.43 -11.99 8.24
N LEU A 164 -11.12 -11.81 7.13
CA LEU A 164 -12.00 -12.90 6.59
C LEU A 164 -11.69 -12.91 5.10
N GLU A 165 -11.55 -14.10 4.51
CA GLU A 165 -11.57 -14.12 3.03
C GLU A 165 -12.73 -15.04 2.62
N ILE A 166 -13.34 -14.71 1.48
CA ILE A 166 -14.50 -15.52 1.07
C ILE A 166 -14.26 -15.89 -0.43
N ALA A 167 -14.26 -17.20 -0.68
CA ALA A 167 -14.14 -17.68 -2.08
C ALA A 167 -15.15 -16.99 -2.99
N CYS A 168 -14.73 -16.61 -4.21
CA CYS A 168 -15.55 -15.70 -4.96
C CYS A 168 -16.88 -16.37 -5.38
N ASN A 169 -16.87 -17.71 -5.48
CA ASN A 169 -18.13 -18.36 -5.89
C ASN A 169 -19.02 -18.71 -4.71
N VAL A 170 -18.57 -18.44 -3.48
CA VAL A 170 -19.33 -18.75 -2.30
C VAL A 170 -20.02 -17.48 -1.78
N ALA A 171 -19.51 -16.31 -2.12
CA ALA A 171 -20.19 -15.10 -1.59
C ALA A 171 -21.70 -14.97 -1.97
N GLY A 172 -22.08 -15.56 -3.12
CA GLY A 172 -23.46 -15.50 -3.58
C GLY A 172 -24.16 -16.86 -3.37
N ALA A 173 -23.60 -17.76 -2.58
CA ALA A 173 -24.18 -19.12 -2.37
C ALA A 173 -25.17 -19.02 -1.23
N PRO A 174 -26.14 -19.91 -1.22
CA PRO A 174 -27.23 -19.86 -0.18
C PRO A 174 -26.65 -20.13 1.19
N CYS A 175 -27.20 -19.48 2.19
CA CYS A 175 -26.71 -19.55 3.56
C CYS A 175 -27.88 -19.46 4.48
N VAL A 176 -27.74 -20.03 5.65
CA VAL A 176 -28.76 -19.79 6.68
C VAL A 176 -28.74 -18.30 7.09
N ARG A 177 -29.81 -17.88 7.76
CA ARG A 177 -29.91 -16.43 8.17
C ARG A 177 -29.32 -16.23 9.58
N PRO A 178 -28.93 -14.97 9.92
CA PRO A 178 -28.32 -14.71 11.20
C PRO A 178 -29.38 -14.45 12.26
N GLY A 179 -29.22 -15.08 13.40
CA GLY A 179 -30.11 -14.72 14.57
C GLY A 179 -29.21 -14.46 15.77
N GLY A 180 -29.84 -14.05 16.89
CA GLY A 180 -28.99 -13.72 18.03
C GLY A 180 -28.13 -12.47 17.62
N ILE A 181 -27.12 -12.22 18.41
CA ILE A 181 -26.42 -10.93 18.23
C ILE A 181 -24.93 -11.21 18.30
N ASP A 182 -24.22 -10.47 17.44
CA ASP A 182 -22.77 -10.36 17.49
C ASP A 182 -22.42 -9.05 18.23
N ALA A 183 -23.34 -8.03 18.21
CA ALA A 183 -23.14 -6.68 18.91
C ALA A 183 -22.70 -6.66 20.41
C PRO A 190 -16.21 -10.83 38.85
N ASP A 191 -15.11 -11.52 39.18
CA ASP A 191 -14.99 -12.25 40.42
C ASP A 191 -14.98 -11.24 41.60
N GLU A 192 -15.97 -11.29 42.49
CA GLU A 192 -16.04 -10.32 43.54
C GLU A 192 -14.86 -10.36 44.53
N ALA A 193 -14.41 -11.53 44.89
CA ALA A 193 -13.29 -11.59 45.80
C ALA A 193 -12.00 -10.97 45.18
N SER A 194 -11.81 -11.19 43.87
CA SER A 194 -10.64 -10.63 43.14
C SER A 194 -10.77 -9.09 43.09
N LEU A 195 -11.99 -8.59 42.83
CA LEU A 195 -12.13 -7.16 42.71
C LEU A 195 -11.89 -6.55 44.08
N LYS A 196 -12.47 -7.14 45.10
CA LYS A 196 -12.24 -6.58 46.47
C LYS A 196 -10.78 -6.54 46.83
N ALA A 197 -10.02 -7.63 46.60
CA ALA A 197 -8.56 -7.66 46.91
C ALA A 197 -7.81 -6.54 46.15
N ALA A 198 -8.13 -6.37 44.86
CA ALA A 198 -7.48 -5.38 44.07
C ALA A 198 -7.84 -3.98 44.57
N VAL A 199 -9.10 -3.75 44.82
CA VAL A 199 -9.56 -2.40 45.25
C VAL A 199 -8.93 -2.18 46.64
N ASP A 200 -8.94 -3.15 47.53
CA ASP A 200 -8.33 -2.87 48.86
C ASP A 200 -6.84 -2.52 48.79
N ALA A 201 -6.09 -3.20 47.88
CA ALA A 201 -4.66 -2.93 47.77
C ALA A 201 -4.52 -1.54 47.18
N ALA A 202 -5.36 -1.19 46.21
CA ALA A 202 -5.27 0.15 45.57
C ALA A 202 -5.63 1.30 46.61
N LEU A 203 -6.62 0.99 47.42
CA LEU A 203 -6.98 1.97 48.51
C LEU A 203 -5.82 2.17 49.45
N ALA A 204 -5.10 1.14 49.78
CA ALA A 204 -3.95 1.20 50.70
C ALA A 204 -2.83 2.01 50.04
N PHE A 205 -2.64 1.74 48.72
CA PHE A 205 -1.64 2.45 47.94
C PHE A 205 -1.86 4.00 48.04
N ILE A 206 -3.14 4.42 47.86
CA ILE A 206 -3.50 5.84 47.87
C ILE A 206 -3.37 6.32 49.35
N GLU A 207 -3.97 5.60 50.29
CA GLU A 207 -3.98 6.15 51.68
CA GLU A 207 -3.98 6.10 51.69
C GLU A 207 -2.56 6.32 52.22
N GLN A 208 -1.59 5.45 51.89
CA GLN A 208 -0.20 5.53 52.43
C GLN A 208 0.64 6.68 51.86
N ARG A 209 0.13 7.33 50.79
CA ARG A 209 0.90 8.32 50.08
C ARG A 209 0.30 9.70 50.22
N GLY A 210 1.19 10.71 50.29
CA GLY A 210 0.64 12.04 50.44
C GLY A 210 0.39 12.71 49.09
N SER A 211 1.21 12.45 48.07
CA SER A 211 0.97 13.10 46.76
CA SER A 211 1.04 13.11 46.78
C SER A 211 0.74 12.01 45.72
N VAL A 212 -0.41 12.06 45.07
CA VAL A 212 -0.76 11.00 44.05
C VAL A 212 -1.17 11.79 42.83
N THR A 213 -0.77 11.30 41.61
CA THR A 213 -1.23 11.94 40.39
C THR A 213 -1.73 10.87 39.42
N MET A 214 -2.76 11.19 38.66
CA MET A 214 -3.23 10.20 37.62
CA MET A 214 -3.32 10.28 37.61
C MET A 214 -2.63 10.55 36.29
N LEU A 215 -2.30 9.47 35.54
CA LEU A 215 -1.72 9.66 34.17
C LEU A 215 -2.62 8.78 33.29
N VAL A 216 -3.30 9.46 32.38
CA VAL A 216 -4.26 8.71 31.55
C VAL A 216 -3.57 8.31 30.19
N GLY A 217 -3.70 7.01 29.89
CA GLY A 217 -2.96 6.39 28.72
C GLY A 217 -3.92 6.11 27.55
N SER A 218 -3.29 5.89 26.36
CA SER A 218 -4.10 5.92 25.16
C SER A 218 -4.82 4.58 24.91
N ARG A 219 -4.70 3.59 25.82
CA ARG A 219 -5.58 2.38 25.69
CA ARG A 219 -5.55 2.37 25.74
C ARG A 219 -6.84 2.53 26.60
N ILE A 220 -7.08 3.70 27.18
CA ILE A 220 -8.23 3.79 28.05
C ILE A 220 -9.56 3.79 27.27
N ARG A 221 -9.56 4.24 26.03
CA ARG A 221 -10.81 4.26 25.26
C ARG A 221 -11.12 2.79 24.87
N ALA A 222 -10.08 2.01 24.52
CA ALA A 222 -10.29 0.54 24.23
C ALA A 222 -10.83 -0.21 25.47
N ALA A 223 -10.50 0.27 26.63
CA ALA A 223 -11.06 -0.27 27.86
C ALA A 223 -12.43 0.23 28.24
N GLY A 224 -12.90 1.24 27.54
CA GLY A 224 -14.23 1.84 27.76
C GLY A 224 -14.25 2.52 29.13
N ALA A 225 -13.10 3.03 29.63
CA ALA A 225 -13.03 3.49 31.08
C ALA A 225 -12.83 5.02 31.23
N GLN A 226 -13.19 5.78 30.22
CA GLN A 226 -12.94 7.25 30.28
C GLN A 226 -13.81 7.86 31.40
N ALA A 227 -15.11 7.48 31.41
CA ALA A 227 -16.01 8.10 32.46
C ALA A 227 -15.60 7.67 33.90
N GLN A 228 -15.07 6.46 34.04
CA GLN A 228 -14.69 5.93 35.37
C GLN A 228 -13.40 6.67 35.78
N ALA A 229 -12.51 7.03 34.81
CA ALA A 229 -11.33 7.83 35.17
C ALA A 229 -11.73 9.22 35.74
N VAL A 230 -12.78 9.83 35.18
CA VAL A 230 -13.28 11.11 35.66
C VAL A 230 -13.83 10.89 37.06
N ALA A 231 -14.57 9.80 37.27
CA ALA A 231 -15.10 9.53 38.63
C ALA A 231 -13.99 9.40 39.63
N LEU A 232 -12.89 8.73 39.28
CA LEU A 232 -11.82 8.57 40.22
C LEU A 232 -11.13 9.96 40.47
N ALA A 233 -10.90 10.74 39.42
CA ALA A 233 -10.25 12.06 39.60
C ALA A 233 -11.15 12.95 40.49
N ASP A 234 -12.47 12.83 40.29
CA ASP A 234 -13.39 13.64 41.17
C ASP A 234 -13.23 13.24 42.66
N ALA A 235 -13.14 11.95 42.96
CA ALA A 235 -13.00 11.46 44.33
C ALA A 235 -11.64 11.79 44.91
N LEU A 236 -10.56 11.73 44.09
CA LEU A 236 -9.24 11.89 44.67
C LEU A 236 -8.91 13.39 44.77
N GLY A 237 -9.46 14.20 43.85
CA GLY A 237 -9.04 15.65 43.81
C GLY A 237 -7.61 15.89 43.41
N CYS A 238 -6.96 14.87 42.87
CA CYS A 238 -5.53 14.92 42.54
C CYS A 238 -5.28 15.59 41.15
N ALA A 239 -4.01 15.90 40.87
CA ALA A 239 -3.64 16.33 39.48
C ALA A 239 -3.91 15.12 38.55
N VAL A 240 -4.41 15.45 37.35
CA VAL A 240 -4.56 14.42 36.31
C VAL A 240 -3.82 14.94 35.07
N THR A 241 -3.05 14.03 34.44
CA THR A 241 -2.35 14.39 33.19
C THR A 241 -2.71 13.31 32.19
N THR A 242 -2.54 13.67 30.90
CA THR A 242 -2.72 12.67 29.84
C THR A 242 -1.35 12.41 29.18
N MET A 243 -1.14 11.15 28.78
CA MET A 243 0.04 10.88 27.85
C MET A 243 -0.31 11.56 26.54
N ALA A 244 0.69 11.85 25.73
CA ALA A 244 0.44 12.60 24.46
C ALA A 244 -0.61 11.89 23.60
N ALA A 245 -0.47 10.58 23.49
CA ALA A 245 -1.43 9.79 22.59
C ALA A 245 -2.81 9.69 23.16
N ALA A 246 -2.99 10.08 24.44
CA ALA A 246 -4.31 10.07 25.08
C ALA A 246 -4.95 11.46 25.03
N LYS A 247 -4.44 12.36 24.17
CA LYS A 247 -5.04 13.70 23.99
C LYS A 247 -6.50 13.60 23.72
N SER A 248 -7.31 14.34 24.53
CA SER A 248 -8.79 14.40 24.48
C SER A 248 -9.49 13.25 25.18
N PHE A 249 -8.79 12.25 25.71
CA PHE A 249 -9.47 11.09 26.38
C PHE A 249 -9.81 11.47 27.82
N PHE A 250 -9.37 12.60 28.32
CA PHE A 250 -9.80 13.11 29.65
C PHE A 250 -10.18 14.58 29.43
N PRO A 251 -11.23 15.05 30.12
CA PRO A 251 -11.73 16.37 29.83
C PRO A 251 -10.83 17.52 30.38
N GLU A 252 -10.50 18.45 29.50
CA GLU A 252 -9.47 19.42 29.84
C GLU A 252 -9.96 20.55 30.70
N ASP A 253 -11.31 20.66 30.83
CA ASP A 253 -11.83 21.61 31.82
C ASP A 253 -12.04 21.02 33.19
N HIS A 254 -11.66 19.78 33.45
CA HIS A 254 -11.79 19.16 34.73
C HIS A 254 -10.89 19.95 35.70
N PRO A 255 -11.37 20.18 36.94
CA PRO A 255 -10.56 21.08 37.83
C PRO A 255 -9.21 20.52 38.21
N GLY A 256 -9.06 19.20 38.10
CA GLY A 256 -7.75 18.59 38.39
C GLY A 256 -6.81 18.45 37.14
N TYR A 257 -7.30 18.69 35.94
CA TYR A 257 -6.44 18.47 34.73
C TYR A 257 -5.28 19.47 34.76
N ARG A 258 -4.10 18.91 34.46
CA ARG A 258 -2.86 19.73 34.51
C ARG A 258 -2.08 19.56 33.21
N GLY A 259 -2.73 18.98 32.18
CA GLY A 259 -2.09 18.97 30.78
C GLY A 259 -1.41 17.62 30.49
N HIS A 260 -0.60 17.58 29.45
CA HIS A 260 0.02 16.31 29.02
C HIS A 260 1.34 16.10 29.68
N TYR A 261 1.55 14.87 30.12
CA TYR A 261 2.82 14.43 30.65
C TYR A 261 3.51 13.78 29.46
N TRP A 262 4.69 14.31 29.15
CA TRP A 262 5.50 13.78 28.02
C TRP A 262 6.99 14.12 28.35
N GLY A 263 7.44 13.72 29.53
CA GLY A 263 8.82 13.94 30.04
C GLY A 263 9.15 15.42 29.98
N GLU A 264 10.27 15.71 29.27
CA GLU A 264 10.70 17.11 29.24
C GLU A 264 9.93 17.97 28.24
N VAL A 265 8.94 17.43 27.54
CA VAL A 265 8.06 18.26 26.66
C VAL A 265 6.62 18.27 27.20
N SER A 266 6.48 18.06 28.53
CA SER A 266 5.19 18.13 29.18
C SER A 266 4.59 19.53 29.18
N SER A 267 3.28 19.62 29.41
CA SER A 267 2.74 20.96 29.72
C SER A 267 3.48 21.51 31.00
N PRO A 268 3.46 22.83 31.18
CA PRO A 268 4.14 23.39 32.40
C PRO A 268 3.54 22.77 33.70
N GLY A 269 4.42 22.40 34.61
CA GLY A 269 3.99 21.75 35.84
C GLY A 269 3.62 20.26 35.74
N ALA A 270 3.32 19.78 34.52
CA ALA A 270 2.88 18.33 34.45
C ALA A 270 4.00 17.28 34.64
N GLN A 271 5.20 17.65 34.26
CA GLN A 271 6.30 16.74 34.43
C GLN A 271 6.49 16.57 35.95
N GLN A 272 6.50 17.68 36.72
CA GLN A 272 6.67 17.50 38.17
C GLN A 272 5.45 16.83 38.80
N ALA A 273 4.27 17.12 38.27
CA ALA A 273 3.05 16.43 38.85
C ALA A 273 3.24 14.94 38.83
N VAL A 274 3.75 14.39 37.72
CA VAL A 274 3.95 12.91 37.62
C VAL A 274 5.24 12.46 38.29
N GLU A 275 6.35 13.12 37.96
CA GLU A 275 7.67 12.56 38.31
C GLU A 275 7.96 12.88 39.82
N GLY A 276 7.32 13.92 40.34
CA GLY A 276 7.51 14.35 41.75
C GLY A 276 6.49 13.73 42.69
N ALA A 277 5.60 12.86 42.19
CA ALA A 277 4.51 12.33 43.07
C ALA A 277 5.01 11.14 43.87
N ASP A 278 4.39 10.90 45.04
CA ASP A 278 4.80 9.70 45.78
C ASP A 278 4.14 8.45 45.14
N GLY A 279 3.08 8.68 44.35
CA GLY A 279 2.49 7.54 43.59
C GLY A 279 1.86 8.08 42.33
N VAL A 280 1.86 7.24 41.30
CA VAL A 280 1.21 7.64 40.04
C VAL A 280 0.21 6.52 39.74
N ILE A 281 -1.01 6.91 39.46
CA ILE A 281 -2.05 5.92 39.01
C ILE A 281 -2.02 6.03 37.46
N CYS A 282 -1.59 4.96 36.81
CA CYS A 282 -1.35 4.97 35.32
CA CYS A 282 -1.41 5.06 35.36
C CYS A 282 -2.48 4.20 34.71
N LEU A 283 -3.35 4.82 33.93
CA LEU A 283 -4.54 4.13 33.42
C LEU A 283 -4.24 3.74 31.95
N ALA A 284 -4.05 2.43 31.73
CA ALA A 284 -3.96 1.88 30.35
C ALA A 284 -2.97 2.66 29.44
N PRO A 285 -1.70 2.73 29.87
CA PRO A 285 -0.69 3.46 29.06
C PRO A 285 -0.04 2.59 27.98
N VAL A 286 0.49 3.25 26.95
CA VAL A 286 1.45 2.62 25.99
C VAL A 286 2.79 3.33 26.18
N PHE A 287 3.71 2.64 26.86
CA PHE A 287 4.99 3.27 27.10
C PHE A 287 6.00 2.80 26.04
N ASN A 288 5.89 3.36 24.86
CA ASN A 288 6.83 2.95 23.82
C ASN A 288 7.96 4.04 23.76
N ASP A 289 8.88 3.91 22.79
CA ASP A 289 10.04 4.78 22.70
C ASP A 289 9.66 6.22 22.48
N TYR A 290 8.58 6.48 21.76
CA TYR A 290 8.16 7.87 21.44
C TYR A 290 7.46 8.46 22.66
N ALA A 291 6.58 7.67 23.30
CA ALA A 291 5.88 8.20 24.49
C ALA A 291 6.78 8.53 25.65
N THR A 292 7.80 7.69 25.82
CA THR A 292 8.76 7.82 26.96
C THR A 292 9.93 8.78 26.61
N VAL A 293 9.85 9.38 25.41
CA VAL A 293 10.82 10.37 24.97
C VAL A 293 12.20 9.68 25.01
N GLY A 294 12.32 8.57 24.26
CA GLY A 294 13.58 7.75 24.28
C GLY A 294 13.96 7.12 25.60
N TRP A 295 12.95 6.61 26.36
CA TRP A 295 13.10 5.82 27.58
C TRP A 295 13.52 6.75 28.73
N SER A 296 13.27 8.06 28.55
CA SER A 296 13.66 9.03 29.65
C SER A 296 12.53 9.32 30.61
N ALA A 297 11.28 9.06 30.22
CA ALA A 297 10.08 9.51 30.93
C ALA A 297 9.12 8.33 31.06
N TRP A 298 9.27 7.50 32.10
CA TRP A 298 8.61 6.16 32.02
C TRP A 298 8.38 5.81 33.55
N PRO A 299 7.28 6.31 34.11
CA PRO A 299 6.97 5.95 35.54
C PRO A 299 6.62 4.47 35.64
N LYS A 300 7.31 3.75 36.56
CA LYS A 300 7.00 2.33 36.69
C LYS A 300 7.51 1.87 38.04
N GLY A 301 6.97 0.73 38.47
CA GLY A 301 7.49 0.06 39.68
C GLY A 301 6.65 0.28 40.89
N ASP A 302 7.30 0.25 42.06
CA ASP A 302 6.55 0.13 43.32
C ASP A 302 5.65 1.35 43.58
N ASN A 303 6.04 2.49 43.02
CA ASN A 303 5.24 3.71 43.23
C ASN A 303 4.21 3.99 42.13
N VAL A 304 3.91 2.93 41.34
CA VAL A 304 2.91 3.09 40.31
C VAL A 304 1.81 2.03 40.48
N MET A 305 0.55 2.47 40.42
CA MET A 305 -0.61 1.60 40.40
C MET A 305 -0.87 1.51 38.86
N LEU A 306 -0.59 0.33 38.26
CA LEU A 306 -0.74 0.27 36.79
C LEU A 306 -2.07 -0.44 36.51
N VAL A 307 -3.04 0.29 35.94
CA VAL A 307 -4.39 -0.21 35.78
C VAL A 307 -4.56 -0.49 34.30
N GLU A 308 -4.77 -1.76 33.97
CA GLU A 308 -4.98 -2.15 32.54
C GLU A 308 -6.37 -2.74 32.40
N ARG A 309 -6.77 -2.99 31.14
CA ARG A 309 -8.09 -3.49 30.88
CA ARG A 309 -8.14 -3.42 30.91
C ARG A 309 -8.65 -4.58 31.83
N HIS A 310 -7.81 -5.60 32.06
CA HIS A 310 -8.25 -6.75 32.80
C HIS A 310 -7.35 -7.06 33.98
N ALA A 311 -6.47 -6.12 34.40
CA ALA A 311 -5.53 -6.48 35.48
C ALA A 311 -5.06 -5.18 36.12
N VAL A 312 -4.75 -5.22 37.41
CA VAL A 312 -4.14 -4.03 38.10
C VAL A 312 -2.91 -4.53 38.76
N THR A 313 -1.78 -3.80 38.62
CA THR A 313 -0.56 -4.17 39.35
C THR A 313 -0.27 -3.08 40.35
N VAL A 314 -0.29 -3.45 41.65
CA VAL A 314 -0.14 -2.43 42.69
C VAL A 314 0.36 -3.16 43.92
N GLY A 315 1.27 -2.48 44.65
CA GLY A 315 1.73 -3.04 45.98
C GLY A 315 2.52 -4.37 45.75
N GLY A 316 3.13 -4.56 44.58
CA GLY A 316 4.00 -5.78 44.39
C GLY A 316 3.15 -7.00 43.93
N VAL A 317 1.88 -6.77 43.61
CA VAL A 317 1.01 -7.86 43.17
C VAL A 317 0.33 -7.45 41.86
N ALA A 318 0.15 -8.46 40.99
CA ALA A 318 -0.63 -8.28 39.74
C ALA A 318 -1.95 -9.01 39.98
N TYR A 319 -3.00 -8.20 40.03
CA TYR A 319 -4.41 -8.75 40.26
C TYR A 319 -5.03 -8.97 38.88
N ALA A 320 -5.26 -10.23 38.53
CA ALA A 320 -5.82 -10.65 37.21
C ALA A 320 -7.32 -10.82 37.39
N GLY A 321 -7.97 -10.78 36.26
CA GLY A 321 -9.43 -11.05 36.17
C GLY A 321 -10.33 -9.94 36.78
N ILE A 322 -9.89 -8.71 36.63
CA ILE A 322 -10.73 -7.60 37.09
CA ILE A 322 -10.55 -7.47 37.19
C ILE A 322 -10.92 -6.53 36.00
N ASP A 323 -12.17 -6.19 35.83
CA ASP A 323 -12.45 -5.29 34.73
C ASP A 323 -12.11 -3.84 35.18
N MET A 324 -11.37 -3.13 34.34
CA MET A 324 -10.85 -1.80 34.74
C MET A 324 -12.05 -0.87 35.12
N ARG A 325 -13.18 -1.02 34.42
CA ARG A 325 -14.31 -0.13 34.69
C ARG A 325 -14.85 -0.37 36.12
N ASP A 326 -15.10 -1.63 36.43
CA ASP A 326 -15.59 -1.96 37.83
C ASP A 326 -14.56 -1.55 38.87
N PHE A 327 -13.28 -1.81 38.60
CA PHE A 327 -12.24 -1.43 39.53
C PHE A 327 -12.26 0.09 39.82
N LEU A 328 -12.23 0.89 38.73
CA LEU A 328 -12.13 2.32 38.91
C LEU A 328 -13.42 2.80 39.66
N THR A 329 -14.56 2.25 39.31
CA THR A 329 -15.82 2.77 39.98
C THR A 329 -15.78 2.46 41.47
N ARG A 330 -15.35 1.25 41.80
CA ARG A 330 -15.33 0.87 43.28
C ARG A 330 -14.24 1.68 43.99
N LEU A 331 -13.09 1.87 43.33
CA LEU A 331 -12.02 2.60 43.99
C LEU A 331 -12.47 4.06 44.25
N ALA A 332 -13.13 4.66 43.27
CA ALA A 332 -13.57 6.06 43.37
C ALA A 332 -14.62 6.20 44.53
N ALA A 333 -15.42 5.14 44.70
CA ALA A 333 -16.50 5.24 45.70
C ALA A 333 -15.89 5.13 47.10
N HIS A 334 -14.68 4.61 47.31
CA HIS A 334 -14.12 4.35 48.64
C HIS A 334 -12.89 5.16 48.97
N THR A 335 -12.25 5.76 47.95
CA THR A 335 -10.98 6.33 48.25
C THR A 335 -11.03 7.59 49.12
N VAL A 336 -9.92 7.80 49.82
CA VAL A 336 -9.71 9.09 50.51
C VAL A 336 -9.38 10.13 49.43
N ARG A 337 -9.49 11.41 49.84
CA ARG A 337 -9.04 12.47 48.93
CA ARG A 337 -9.05 12.52 49.04
C ARG A 337 -7.51 12.70 49.08
N ARG A 338 -6.83 12.94 47.95
CA ARG A 338 -5.39 13.26 48.00
C ARG A 338 -5.16 14.37 47.03
N ASP A 339 -5.43 15.60 47.48
CA ASP A 339 -5.35 16.75 46.57
C ASP A 339 -4.06 17.54 46.54
N ALA A 340 -2.97 17.04 47.15
CA ALA A 340 -1.75 17.84 47.23
C ALA A 340 -1.21 18.15 45.88
N THR A 341 -1.29 17.20 44.93
CA THR A 341 -0.64 17.50 43.63
C THR A 341 -1.46 18.47 42.81
N ALA A 342 -2.76 18.69 43.13
CA ALA A 342 -3.56 19.69 42.45
C ALA A 342 -3.46 21.10 43.09
N ARG A 343 -3.00 21.15 44.35
CA ARG A 343 -3.14 22.40 45.15
C ARG A 343 -2.38 23.51 44.48
N GLY A 344 -3.07 24.64 44.28
CA GLY A 344 -2.32 25.79 43.80
C GLY A 344 -2.11 25.80 42.28
N GLY A 345 -2.51 24.70 41.60
CA GLY A 345 -2.00 24.55 40.22
C GLY A 345 -3.09 24.78 39.21
N ALA A 346 -2.70 24.80 37.92
CA ALA A 346 -3.71 24.90 36.90
C ALA A 346 -3.13 24.37 35.62
N TYR A 347 -4.03 24.04 34.69
CA TYR A 347 -3.56 23.65 33.32
C TYR A 347 -3.08 24.91 32.60
N VAL A 348 -1.80 24.88 32.16
CA VAL A 348 -1.19 26.02 31.51
C VAL A 348 -1.14 25.68 30.04
N THR A 349 -1.76 26.54 29.22
CA THR A 349 -1.80 26.30 27.80
C THR A 349 -1.17 27.47 27.07
N PRO A 350 -0.87 27.30 25.76
CA PRO A 350 -0.10 28.43 25.10
C PRO A 350 -0.96 29.64 25.01
N GLN A 351 -0.34 30.79 25.22
CA GLN A 351 -1.09 32.08 25.15
C GLN A 351 -0.31 32.93 24.16
N THR A 352 -0.50 32.59 22.87
CA THR A 352 0.20 33.26 21.83
C THR A 352 -0.55 34.52 21.40
N PRO A 353 0.14 35.70 21.45
CA PRO A 353 -0.58 36.89 21.06
C PRO A 353 -0.89 36.84 19.55
N ALA A 354 -2.00 37.44 19.19
CA ALA A 354 -2.32 37.48 17.73
C ALA A 354 -1.32 38.22 16.89
N ALA A 355 -0.87 37.61 15.78
CA ALA A 355 0.12 38.27 14.93
C ALA A 355 -0.49 39.46 14.22
N ALA A 356 0.42 40.37 13.81
CA ALA A 356 -0.06 41.45 12.88
C ALA A 356 -0.54 40.67 11.65
N PRO A 357 -1.71 41.04 11.16
CA PRO A 357 -2.34 40.25 10.09
C PRO A 357 -1.50 40.19 8.80
N THR A 358 -0.61 41.18 8.49
CA THR A 358 0.14 41.10 7.23
C THR A 358 1.52 40.54 7.40
N ALA A 359 1.91 40.17 8.65
CA ALA A 359 3.15 39.48 8.87
C ALA A 359 3.17 38.06 8.26
N PRO A 360 4.32 37.63 7.78
CA PRO A 360 4.42 36.29 7.24
C PRO A 360 3.88 35.29 8.28
N LEU A 361 3.13 34.28 7.80
CA LEU A 361 2.55 33.28 8.77
C LEU A 361 3.66 32.55 9.46
N ASN A 362 3.48 32.30 10.78
CA ASN A 362 4.37 31.38 11.42
C ASN A 362 3.54 30.30 12.15
N ASN A 363 4.25 29.26 12.56
CA ASN A 363 3.56 28.07 13.18
C ASN A 363 2.75 28.50 14.39
N ALA A 364 3.27 29.42 15.25
CA ALA A 364 2.53 29.79 16.44
C ALA A 364 1.19 30.50 16.09
N GLU A 365 1.22 31.30 15.04
CA GLU A 365 -0.01 32.00 14.63
C GLU A 365 -0.98 31.03 14.02
N MET A 366 -0.44 30.14 13.19
CA MET A 366 -1.34 29.13 12.53
C MET A 366 -2.05 28.29 13.64
N ALA A 367 -1.23 27.80 14.57
CA ALA A 367 -1.76 26.99 15.72
C ALA A 367 -2.74 27.73 16.58
N ARG A 368 -2.51 29.03 16.77
CA ARG A 368 -3.44 29.82 17.51
C ARG A 368 -4.83 29.87 16.84
N GLN A 369 -4.83 30.08 15.49
CA GLN A 369 -6.08 30.21 14.81
C GLN A 369 -6.78 28.86 14.73
N ILE A 370 -6.00 27.80 14.58
CA ILE A 370 -6.67 26.45 14.53
C ILE A 370 -7.23 26.14 15.94
N GLY A 371 -6.49 26.49 16.97
CA GLY A 371 -7.02 26.28 18.34
C GLY A 371 -8.32 27.02 18.57
N ALA A 372 -8.46 28.23 17.99
CA ALA A 372 -9.65 29.12 18.20
C ALA A 372 -10.85 28.52 17.49
N LEU A 373 -10.60 27.70 16.43
CA LEU A 373 -11.69 27.08 15.64
C LEU A 373 -12.33 25.93 16.35
N LEU A 374 -11.63 25.30 17.34
CA LEU A 374 -12.15 24.09 17.98
C LEU A 374 -13.41 24.41 18.81
N THR A 375 -14.35 23.49 18.80
CA THR A 375 -15.57 23.57 19.62
C THR A 375 -15.71 22.24 20.35
N PRO A 376 -16.68 22.13 21.29
CA PRO A 376 -16.98 20.86 21.84
C PRO A 376 -17.48 19.80 20.91
N ARG A 377 -17.86 20.18 19.67
CA ARG A 377 -18.40 19.23 18.72
C ARG A 377 -17.38 18.99 17.58
N THR A 378 -16.14 19.35 17.85
CA THR A 378 -15.10 19.19 16.76
C THR A 378 -14.39 17.88 16.96
N THR A 379 -14.02 17.27 15.81
CA THR A 379 -13.03 16.19 15.80
C THR A 379 -11.87 16.64 15.01
N LEU A 380 -10.71 16.67 15.67
CA LEU A 380 -9.47 17.19 15.05
C LEU A 380 -8.59 15.94 14.83
N THR A 381 -8.36 15.61 13.55
CA THR A 381 -7.48 14.47 13.18
C THR A 381 -6.13 15.10 12.90
N ALA A 382 -5.06 14.63 13.57
CA ALA A 382 -3.73 15.27 13.50
C ALA A 382 -2.66 14.26 13.05
N GLU A 383 -2.01 14.61 11.91
CA GLU A 383 -1.07 13.66 11.35
C GLU A 383 0.27 13.63 12.05
N THR A 384 0.99 12.48 11.88
CA THR A 384 2.42 12.38 12.31
C THR A 384 3.23 13.44 11.63
N GLY A 385 3.99 14.15 12.47
CA GLY A 385 4.70 15.35 11.93
C GLY A 385 4.67 16.39 13.01
N ASP A 386 5.02 17.62 12.69
CA ASP A 386 4.84 18.65 13.74
C ASP A 386 3.37 18.81 14.10
N SER A 387 2.44 18.32 13.28
CA SER A 387 1.03 18.43 13.72
C SER A 387 0.77 17.64 15.02
N TRP A 388 1.55 16.59 15.35
CA TRP A 388 1.32 15.94 16.64
C TRP A 388 1.53 16.97 17.76
N PHE A 389 2.58 17.77 17.67
CA PHE A 389 2.94 18.66 18.77
C PHE A 389 1.97 19.83 18.80
N ASN A 390 1.64 20.37 17.64
CA ASN A 390 0.57 21.39 17.67
C ASN A 390 -0.76 20.89 18.18
N ALA A 391 -1.11 19.60 17.90
CA ALA A 391 -2.36 19.10 18.42
C ALA A 391 -2.30 18.91 19.96
N VAL A 392 -1.18 18.31 20.43
CA VAL A 392 -1.18 18.00 21.86
C VAL A 392 -1.19 19.33 22.63
N ARG A 393 -0.64 20.39 22.01
CA ARG A 393 -0.62 21.74 22.71
C ARG A 393 -1.97 22.46 22.71
N MET A 394 -2.95 21.98 21.95
CA MET A 394 -4.25 22.69 21.78
CA MET A 394 -4.16 22.81 21.88
C MET A 394 -4.98 22.67 23.16
N LYS A 395 -5.61 23.78 23.53
CA LYS A 395 -6.50 23.71 24.72
C LYS A 395 -7.86 23.22 24.21
N LEU A 396 -8.34 22.08 24.73
CA LEU A 396 -9.57 21.50 24.15
C LEU A 396 -10.79 21.95 24.95
N PRO A 397 -11.79 22.44 24.22
CA PRO A 397 -13.13 22.57 24.88
C PRO A 397 -13.60 21.21 25.33
N HIS A 398 -14.35 21.13 26.46
CA HIS A 398 -14.91 19.85 26.88
C HIS A 398 -15.70 19.20 25.76
N GLY A 399 -15.47 17.92 25.50
CA GLY A 399 -16.21 17.15 24.42
C GLY A 399 -15.44 17.08 23.09
N ALA A 400 -14.46 17.98 22.89
CA ALA A 400 -13.74 18.01 21.60
C ALA A 400 -13.00 16.65 21.55
N ARG A 401 -12.83 16.13 20.32
CA ARG A 401 -12.13 14.86 20.14
C ARG A 401 -10.87 15.18 19.33
N VAL A 402 -9.78 14.54 19.69
CA VAL A 402 -8.55 14.57 18.87
C VAL A 402 -8.20 13.13 18.55
N GLU A 403 -7.92 12.92 17.25
CA GLU A 403 -7.44 11.62 16.85
C GLU A 403 -5.99 11.66 16.38
N LEU A 404 -5.23 10.80 17.03
CA LEU A 404 -3.78 10.67 16.82
C LEU A 404 -3.50 9.19 16.55
N GLU A 405 -2.49 8.93 15.68
CA GLU A 405 -2.11 7.56 15.41
C GLU A 405 -0.65 7.45 15.83
N MET A 406 -0.41 7.57 17.15
CA MET A 406 0.95 7.73 17.61
C MET A 406 1.62 6.36 17.83
N GLN A 407 0.91 5.21 17.80
CA GLN A 407 1.68 3.96 17.95
C GLN A 407 2.08 3.48 16.53
N TRP A 408 1.12 3.43 15.63
CA TRP A 408 1.54 3.03 14.24
C TRP A 408 2.31 4.12 13.52
N GLY A 409 1.78 5.36 13.49
CA GLY A 409 2.52 6.55 12.98
C GLY A 409 2.79 6.45 11.49
N HIS A 410 1.83 6.06 10.70
CA HIS A 410 2.05 5.95 9.22
C HIS A 410 1.66 7.27 8.64
N ILE A 411 2.60 8.03 8.09
CA ILE A 411 2.29 9.34 7.48
C ILE A 411 1.29 9.16 6.37
N GLY A 412 0.32 10.07 6.29
CA GLY A 412 -0.70 9.92 5.26
C GLY A 412 -1.98 9.27 5.84
N TRP A 413 -1.88 8.59 6.99
CA TRP A 413 -3.05 7.99 7.61
C TRP A 413 -4.16 9.07 7.72
N SER A 414 -3.79 10.30 8.03
CA SER A 414 -4.85 11.31 8.45
C SER A 414 -5.86 11.64 7.41
N VAL A 415 -5.50 11.57 6.12
CA VAL A 415 -6.44 11.97 5.06
C VAL A 415 -7.57 10.94 5.01
N PRO A 416 -7.27 9.66 4.78
CA PRO A 416 -8.38 8.69 4.73
C PRO A 416 -9.01 8.57 6.12
N ALA A 417 -8.22 8.72 7.20
CA ALA A 417 -8.86 8.57 8.53
C ALA A 417 -9.88 9.68 8.79
N ALA A 418 -9.57 10.90 8.32
CA ALA A 418 -10.55 12.05 8.49
C ALA A 418 -11.79 11.80 7.60
N PHE A 419 -11.58 11.23 6.40
CA PHE A 419 -12.70 10.88 5.53
C PHE A 419 -13.60 9.85 6.21
N GLY A 420 -13.03 8.78 6.81
CA GLY A 420 -13.90 7.79 7.43
C GLY A 420 -14.58 8.37 8.71
N ASN A 421 -13.84 9.19 9.50
CA ASN A 421 -14.47 9.70 10.72
C ASN A 421 -15.56 10.66 10.32
N ALA A 422 -15.42 11.43 9.19
CA ALA A 422 -16.51 12.37 8.74
C ALA A 422 -17.77 11.58 8.32
N LEU A 423 -17.59 10.40 7.72
CA LEU A 423 -18.79 9.59 7.44
C LEU A 423 -19.41 9.01 8.69
N ALA A 424 -18.59 8.62 9.68
CA ALA A 424 -19.08 7.99 10.90
C ALA A 424 -19.77 8.99 11.80
N ALA A 425 -19.35 10.24 11.77
CA ALA A 425 -19.86 11.23 12.77
C ALA A 425 -20.18 12.55 12.02
N PRO A 426 -21.20 12.53 11.19
CA PRO A 426 -21.51 13.68 10.35
C PRO A 426 -22.08 14.86 11.13
N GLU A 427 -22.45 14.60 12.39
CA GLU A 427 -22.95 15.66 13.25
C GLU A 427 -21.76 16.55 13.79
N ARG A 428 -20.51 16.11 13.70
CA ARG A 428 -19.39 16.86 14.27
C ARG A 428 -18.75 17.71 13.22
N GLN A 429 -17.95 18.64 13.69
CA GLN A 429 -17.16 19.51 12.82
CA GLN A 429 -17.17 19.46 12.82
C GLN A 429 -15.79 18.84 12.67
N HIS A 430 -15.47 18.44 11.43
CA HIS A 430 -14.19 17.74 11.25
C HIS A 430 -13.11 18.67 10.78
N VAL A 431 -11.93 18.63 11.44
CA VAL A 431 -10.79 19.45 11.08
C VAL A 431 -9.56 18.53 11.02
N LEU A 432 -8.81 18.63 9.91
CA LEU A 432 -7.68 17.74 9.64
C LEU A 432 -6.45 18.66 9.61
N MET A 433 -5.40 18.31 10.38
N MET A 433 -5.38 18.30 10.34
CA MET A 433 -4.10 18.97 10.25
CA MET A 433 -4.11 19.01 10.24
C MET A 433 -3.17 17.91 9.65
C MET A 433 -3.11 17.97 9.70
N VAL A 434 -2.65 18.23 8.47
CA VAL A 434 -1.79 17.29 7.76
C VAL A 434 -0.64 18.09 7.16
N GLY A 435 0.56 17.51 7.24
CA GLY A 435 1.75 18.12 6.64
C GLY A 435 1.80 17.79 5.16
N ASP A 436 2.54 18.61 4.43
CA ASP A 436 2.66 18.43 2.96
C ASP A 436 3.28 17.02 2.62
N GLY A 437 4.32 16.57 3.34
CA GLY A 437 5.01 15.27 2.99
C GLY A 437 3.98 14.16 3.19
N SER A 438 3.21 14.21 4.28
CA SER A 438 2.29 13.16 4.57
C SER A 438 1.13 13.15 3.54
N PHE A 439 0.67 14.36 3.20
CA PHE A 439 -0.45 14.48 2.30
C PHE A 439 -0.15 13.76 0.98
N GLN A 440 1.10 13.75 0.56
CA GLN A 440 1.36 13.19 -0.82
C GLN A 440 1.21 11.68 -0.79
N LEU A 441 1.17 10.99 0.40
CA LEU A 441 1.01 9.50 0.29
C LEU A 441 -0.41 9.12 0.01
N THR A 442 -1.41 9.94 0.39
CA THR A 442 -2.83 9.51 0.41
C THR A 442 -3.80 10.58 -0.09
N ALA A 443 -3.24 11.66 -0.70
CA ALA A 443 -4.02 12.82 -1.15
C ALA A 443 -5.27 12.49 -1.89
N GLN A 444 -5.25 11.41 -2.69
CA GLN A 444 -6.44 11.13 -3.52
C GLN A 444 -7.69 10.88 -2.69
N GLU A 445 -7.60 10.59 -1.35
CA GLU A 445 -8.85 10.45 -0.68
C GLU A 445 -9.60 11.79 -0.49
N VAL A 446 -8.93 12.95 -0.64
CA VAL A 446 -9.73 14.22 -0.65
C VAL A 446 -10.74 14.19 -1.78
N ALA A 447 -10.40 13.49 -2.87
CA ALA A 447 -11.44 13.42 -3.96
C ALA A 447 -12.66 12.64 -3.55
N GLN A 448 -12.49 11.70 -2.63
CA GLN A 448 -13.69 10.99 -2.10
C GLN A 448 -14.46 11.86 -1.07
N MET A 449 -13.76 12.77 -0.36
CA MET A 449 -14.43 13.73 0.53
C MET A 449 -15.30 14.59 -0.37
N ILE A 450 -14.69 15.01 -1.49
CA ILE A 450 -15.51 15.84 -2.43
C ILE A 450 -16.69 15.04 -3.01
N ARG A 451 -16.43 13.78 -3.38
CA ARG A 451 -17.56 12.94 -3.94
C ARG A 451 -18.74 12.85 -3.02
N HIS A 452 -18.50 12.86 -1.68
CA HIS A 452 -19.57 12.71 -0.70
C HIS A 452 -19.98 14.03 0.02
N ASP A 453 -19.52 15.16 -0.54
CA ASP A 453 -19.87 16.51 -0.10
C ASP A 453 -19.58 16.67 1.41
N LEU A 454 -18.43 16.16 1.88
CA LEU A 454 -18.18 16.17 3.32
C LEU A 454 -17.39 17.44 3.67
N PRO A 455 -17.90 18.16 4.66
CA PRO A 455 -17.31 19.49 4.94
C PRO A 455 -16.12 19.40 5.93
N VAL A 456 -15.06 18.74 5.48
CA VAL A 456 -13.82 18.61 6.28
C VAL A 456 -12.98 19.84 5.99
N ILE A 457 -12.50 20.52 7.03
CA ILE A 457 -11.62 21.65 6.86
C ILE A 457 -10.23 21.13 7.08
N ILE A 458 -9.43 21.28 6.07
CA ILE A 458 -8.09 20.66 6.08
C ILE A 458 -7.03 21.75 6.09
N PHE A 459 -6.23 21.74 7.16
CA PHE A 459 -5.08 22.66 7.16
C PHE A 459 -3.83 21.86 6.66
N LEU A 460 -3.39 22.22 5.45
CA LEU A 460 -2.22 21.51 4.86
C LEU A 460 -1.04 22.38 5.22
N ILE A 461 -0.11 21.86 6.00
CA ILE A 461 1.03 22.70 6.42
C ILE A 461 2.14 22.55 5.40
N ASN A 462 2.33 23.54 4.50
CA ASN A 462 3.33 23.39 3.43
C ASN A 462 4.63 24.03 3.97
N ASN A 463 5.45 23.20 4.63
CA ASN A 463 6.76 23.70 4.99
C ASN A 463 7.82 23.04 4.11
N HIS A 464 7.42 22.59 2.92
CA HIS A 464 8.37 22.11 1.88
C HIS A 464 9.30 20.99 2.39
N GLY A 465 8.69 19.90 2.91
CA GLY A 465 9.45 18.72 3.24
C GLY A 465 9.06 18.14 4.58
N TYR A 466 9.86 17.19 5.02
CA TYR A 466 9.54 16.41 6.18
C TYR A 466 10.27 17.09 7.41
N THR A 467 9.62 18.08 7.99
CA THR A 467 10.34 18.87 9.01
C THR A 467 10.58 18.02 10.24
N ILE A 468 9.65 17.14 10.61
CA ILE A 468 9.88 16.31 11.79
C ILE A 468 11.19 15.51 11.64
N GLU A 469 11.48 15.10 10.40
N GLU A 469 11.49 15.06 10.41
CA GLU A 469 12.65 14.29 10.17
CA GLU A 469 12.71 14.29 10.20
C GLU A 469 13.88 15.17 10.15
C GLU A 469 13.91 15.20 10.19
N VAL A 470 13.76 16.37 9.56
CA VAL A 470 14.78 17.34 9.51
C VAL A 470 15.25 17.44 11.02
N MET A 471 14.32 17.35 12.00
CA MET A 471 14.71 17.41 13.45
C MET A 471 15.13 16.13 14.28
N ILE A 472 15.17 14.98 13.61
CA ILE A 472 15.71 13.79 14.23
C ILE A 472 17.11 13.71 13.51
N HIS A 473 17.18 13.98 12.16
CA HIS A 473 18.50 13.78 11.42
C HIS A 473 18.32 14.24 9.94
N ASP A 474 18.99 15.28 9.51
CA ASP A 474 18.64 15.89 8.21
C ASP A 474 19.48 15.30 7.02
N GLY A 475 18.94 15.39 5.80
CA GLY A 475 19.55 14.78 4.63
C GLY A 475 18.64 15.10 3.47
N PRO A 476 19.07 14.77 2.25
CA PRO A 476 18.33 15.14 1.05
C PRO A 476 16.99 14.42 0.89
N TYR A 477 16.91 13.33 1.65
CA TYR A 477 15.67 12.45 1.68
C TYR A 477 14.54 13.14 2.42
N ASN A 478 14.80 14.29 3.04
CA ASN A 478 13.68 15.01 3.64
C ASN A 478 13.02 16.03 2.74
N ASN A 479 13.52 16.16 1.52
CA ASN A 479 12.97 17.14 0.58
C ASN A 479 11.86 16.44 -0.22
N VAL A 480 10.83 17.19 -0.59
CA VAL A 480 9.73 16.63 -1.33
C VAL A 480 9.50 17.52 -2.57
N LYS A 481 8.84 16.93 -3.57
CA LYS A 481 8.45 17.73 -4.73
C LYS A 481 7.27 18.58 -4.32
N ASN A 482 7.35 19.93 -4.45
CA ASN A 482 6.23 20.75 -3.98
C ASN A 482 5.06 20.60 -4.95
N TRP A 483 3.85 20.71 -4.45
CA TRP A 483 2.64 20.70 -5.30
C TRP A 483 1.90 22.02 -5.03
N ASP A 484 1.03 22.35 -5.98
CA ASP A 484 0.05 23.42 -5.73
C ASP A 484 -1.13 22.79 -4.98
N TYR A 485 -0.94 22.68 -3.64
CA TYR A 485 -1.97 21.91 -2.88
C TYR A 485 -3.35 22.55 -3.00
N ALA A 486 -3.42 23.87 -2.87
CA ALA A 486 -4.68 24.56 -3.04
C ALA A 486 -5.35 24.29 -4.42
N GLY A 487 -4.55 24.29 -5.47
CA GLY A 487 -5.06 24.15 -6.86
C GLY A 487 -5.53 22.67 -7.06
N LEU A 488 -5.09 21.71 -6.24
CA LEU A 488 -5.54 20.30 -6.37
C LEU A 488 -7.06 20.17 -6.18
N MET A 489 -7.70 21.07 -5.36
CA MET A 489 -9.08 20.92 -5.06
C MET A 489 -9.90 21.01 -6.33
N GLU A 490 -9.58 22.02 -7.13
CA GLU A 490 -10.39 22.10 -8.45
C GLU A 490 -10.15 20.95 -9.37
N VAL A 491 -8.91 20.42 -9.35
CA VAL A 491 -8.62 19.23 -10.17
C VAL A 491 -9.48 18.05 -9.71
N PHE A 492 -9.64 17.88 -8.36
CA PHE A 492 -10.52 16.77 -7.95
C PHE A 492 -11.99 17.06 -8.12
N ASN A 493 -12.39 18.33 -8.15
CA ASN A 493 -13.80 18.64 -8.36
C ASN A 493 -14.15 18.26 -9.84
N ALA A 494 -13.28 18.67 -10.75
CA ALA A 494 -13.48 18.36 -12.19
C ALA A 494 -14.89 18.85 -12.62
N GLY A 495 -15.26 20.03 -12.18
CA GLY A 495 -16.65 20.58 -12.48
C GLY A 495 -17.84 19.98 -11.75
N GLU A 496 -17.65 18.94 -10.91
CA GLU A 496 -18.78 18.34 -10.19
CA GLU A 496 -18.72 18.18 -10.25
C GLU A 496 -18.29 18.01 -8.78
N GLY A 497 -18.19 19.09 -8.01
CA GLY A 497 -17.78 18.91 -6.58
C GLY A 497 -17.76 20.30 -5.96
N ASN A 498 -17.76 20.30 -4.63
CA ASN A 498 -17.74 21.60 -3.91
C ASN A 498 -16.41 21.74 -3.14
N GLY A 499 -15.33 21.05 -3.56
CA GLY A 499 -14.02 21.25 -2.84
C GLY A 499 -13.57 22.70 -3.05
N LEU A 500 -12.86 23.25 -2.07
CA LEU A 500 -12.39 24.61 -2.21
C LEU A 500 -10.96 24.60 -1.72
N GLY A 501 -10.06 25.19 -2.52
CA GLY A 501 -8.62 25.27 -2.13
C GLY A 501 -8.24 26.74 -1.97
N LEU A 502 -7.61 27.03 -0.84
CA LEU A 502 -7.18 28.44 -0.46
C LEU A 502 -5.76 28.42 -0.06
N ARG A 503 -5.10 29.58 -0.09
CA ARG A 503 -3.68 29.66 0.38
C ARG A 503 -3.64 30.70 1.47
N ALA A 504 -2.86 30.45 2.52
CA ALA A 504 -2.70 31.47 3.56
C ALA A 504 -1.16 31.62 3.75
N ARG A 505 -0.63 32.84 3.52
CA ARG A 505 0.78 33.15 3.68
CA ARG A 505 0.80 33.09 3.76
C ARG A 505 0.99 34.14 4.86
N THR A 506 -0.11 34.57 5.44
CA THR A 506 -0.14 35.53 6.58
C THR A 506 -1.29 35.20 7.53
N GLY A 507 -1.26 35.79 8.73
CA GLY A 507 -2.38 35.51 9.62
C GLY A 507 -3.70 36.09 9.14
N GLY A 508 -3.65 37.26 8.44
CA GLY A 508 -4.85 37.86 7.82
C GLY A 508 -5.46 36.94 6.75
N GLU A 509 -4.59 36.34 5.95
CA GLU A 509 -5.09 35.46 4.86
C GLU A 509 -5.61 34.18 5.50
N LEU A 510 -4.93 33.70 6.54
CA LEU A 510 -5.44 32.48 7.22
C LEU A 510 -6.85 32.74 7.84
N ALA A 511 -7.03 33.87 8.51
CA ALA A 511 -8.38 34.15 9.14
C ALA A 511 -9.48 34.25 8.08
N ALA A 512 -9.12 34.82 6.93
CA ALA A 512 -10.12 35.03 5.86
C ALA A 512 -10.40 33.61 5.23
N ALA A 513 -9.36 32.79 5.11
CA ALA A 513 -9.59 31.42 4.60
C ALA A 513 -10.41 30.57 5.53
N ILE A 514 -10.20 30.70 6.87
CA ILE A 514 -10.97 29.91 7.82
C ILE A 514 -12.45 30.34 7.69
N GLU A 515 -12.70 31.65 7.54
CA GLU A 515 -14.14 32.00 7.48
CA GLU A 515 -14.12 32.14 7.37
C GLU A 515 -14.76 31.46 6.18
N GLN A 516 -13.99 31.40 5.09
CA GLN A 516 -14.55 30.81 3.86
C GLN A 516 -14.74 29.30 4.01
N ALA A 517 -13.80 28.66 4.72
CA ALA A 517 -13.92 27.21 4.99
C ALA A 517 -15.17 26.87 5.84
N ARG A 518 -15.46 27.69 6.86
CA ARG A 518 -16.63 27.44 7.74
C ARG A 518 -17.94 27.60 6.93
N ALA A 519 -17.91 28.45 5.92
CA ALA A 519 -19.10 28.76 5.07
C ALA A 519 -19.27 27.68 3.98
N ASN A 520 -18.25 26.84 3.82
CA ASN A 520 -18.35 25.78 2.76
C ASN A 520 -19.02 24.53 3.41
N ARG A 521 -20.34 24.47 3.26
CA ARG A 521 -21.11 23.49 4.01
C ARG A 521 -21.24 22.16 3.31
N ASN A 522 -20.93 22.07 2.01
CA ASN A 522 -21.22 20.87 1.26
CA ASN A 522 -21.22 20.83 1.30
C ASN A 522 -20.00 20.31 0.56
N GLY A 523 -18.80 20.62 1.06
CA GLY A 523 -17.61 20.01 0.49
C GLY A 523 -16.42 20.46 1.35
N PRO A 524 -15.27 19.83 1.14
CA PRO A 524 -14.12 20.05 2.02
C PRO A 524 -13.37 21.29 1.55
N THR A 525 -12.63 21.91 2.47
CA THR A 525 -11.84 23.09 2.14
C THR A 525 -10.41 22.84 2.58
N LEU A 526 -9.48 22.99 1.66
CA LEU A 526 -8.03 22.77 2.05
C LEU A 526 -7.44 24.18 2.03
N ILE A 527 -6.81 24.51 3.15
CA ILE A 527 -6.10 25.81 3.35
C ILE A 527 -4.64 25.48 3.37
N GLU A 528 -3.91 25.86 2.34
CA GLU A 528 -2.47 25.59 2.27
C GLU A 528 -1.75 26.67 3.03
N CYS A 529 -1.18 26.32 4.16
CA CYS A 529 -0.50 27.31 5.09
C CYS A 529 0.98 27.20 4.75
N THR A 530 1.59 28.33 4.34
CA THR A 530 3.04 28.22 4.04
C THR A 530 3.87 28.59 5.28
N LEU A 531 4.81 27.70 5.67
CA LEU A 531 5.72 27.96 6.84
C LEU A 531 7.12 27.63 6.40
N ASP A 532 8.07 28.33 6.99
CA ASP A 532 9.49 27.89 6.77
C ASP A 532 9.74 26.49 7.32
N ARG A 533 10.72 25.80 6.68
CA ARG A 533 11.11 24.49 7.12
C ARG A 533 11.49 24.42 8.59
N ASP A 534 12.15 25.44 9.15
CA ASP A 534 12.54 25.23 10.50
C ASP A 534 11.61 25.96 11.47
N ASP A 535 10.42 26.35 11.04
CA ASP A 535 9.55 27.02 11.98
C ASP A 535 8.57 25.96 12.51
N CYS A 536 8.95 25.34 13.62
CA CYS A 536 8.14 24.24 14.15
C CYS A 536 8.09 24.46 15.66
N THR A 537 7.32 23.61 16.38
CA THR A 537 7.33 23.76 17.82
C THR A 537 8.67 23.49 18.44
N GLN A 538 8.87 24.10 19.63
CA GLN A 538 10.07 23.80 20.37
CA GLN A 538 10.05 23.81 20.42
C GLN A 538 10.04 22.36 20.84
N GLU A 539 8.86 21.87 21.15
CA GLU A 539 8.77 20.46 21.69
C GLU A 539 9.26 19.46 20.63
N LEU A 540 9.01 19.74 19.34
N LEU A 540 8.97 19.69 19.35
CA LEU A 540 9.51 18.80 18.33
CA LEU A 540 9.45 18.76 18.33
C LEU A 540 11.03 18.68 18.39
C LEU A 540 11.00 18.69 18.29
N VAL A 541 11.68 19.83 18.49
CA VAL A 541 13.15 19.86 18.52
C VAL A 541 13.67 19.12 19.72
N THR A 542 13.11 19.39 20.90
CA THR A 542 13.61 18.75 22.12
C THR A 542 13.33 17.24 22.12
N TRP A 543 12.08 16.90 21.73
CA TRP A 543 11.71 15.48 21.65
C TRP A 543 12.51 14.74 20.61
N GLY A 544 12.71 15.32 19.43
CA GLY A 544 13.33 14.70 18.32
C GLY A 544 14.78 14.37 18.65
N LYS A 545 15.49 15.24 19.35
CA LYS A 545 16.90 14.90 19.60
CA LYS A 545 16.89 14.95 19.69
C LYS A 545 16.97 13.71 20.59
N ARG A 546 16.03 13.60 21.55
CA ARG A 546 16.11 12.52 22.56
CA ARG A 546 16.09 12.52 22.54
C ARG A 546 15.76 11.23 21.88
N VAL A 547 14.64 11.33 21.20
N VAL A 547 14.74 11.16 21.01
CA VAL A 547 14.22 10.19 20.50
CA VAL A 547 14.44 9.82 20.29
C VAL A 547 15.33 9.65 19.52
C VAL A 547 15.45 9.47 19.19
N ALA A 548 15.99 10.48 18.61
CA ALA A 548 17.09 10.16 17.71
C ALA A 548 18.26 9.48 18.49
N ALA A 549 18.60 10.05 19.63
CA ALA A 549 19.77 9.56 20.38
C ALA A 549 19.47 8.13 20.85
N ALA A 550 18.21 7.93 21.25
CA ALA A 550 17.81 6.55 21.64
C ALA A 550 17.89 5.56 20.47
N ASN A 551 17.36 5.87 19.29
CA ASN A 551 17.51 5.09 18.02
C ASN A 551 18.93 4.75 17.73
N ALA A 552 19.81 5.74 17.93
CA ALA A 552 21.21 5.56 17.47
C ALA A 552 22.06 4.89 18.52
N ARG A 553 21.54 4.63 19.71
CA ARG A 553 22.49 4.21 20.79
C ARG A 553 23.27 2.93 20.37
N PRO A 554 24.55 2.87 20.75
CA PRO A 554 25.45 1.93 20.00
C PRO A 554 25.29 0.53 20.42
N PRO A 555 25.63 -0.37 19.47
CA PRO A 555 25.63 -1.81 19.85
C PRO A 555 26.44 -2.11 21.18
N MET B 1 37.64 7.63 6.92
CA MET B 1 36.12 7.40 7.10
C MET B 1 35.84 5.88 7.22
N THR B 2 35.25 5.44 8.33
CA THR B 2 35.22 3.99 8.60
C THR B 2 34.20 3.41 7.61
N TYR B 3 34.53 2.25 7.11
CA TYR B 3 33.62 1.58 6.12
C TYR B 3 32.53 0.94 6.94
N THR B 4 31.27 1.01 6.49
CA THR B 4 30.11 0.59 7.33
C THR B 4 29.31 -0.49 6.65
N VAL B 5 28.41 -1.05 7.44
CA VAL B 5 27.45 -2.03 6.88
C VAL B 5 26.65 -1.41 5.69
N GLY B 6 26.15 -0.19 5.89
CA GLY B 6 25.36 0.45 4.80
C GLY B 6 26.20 0.64 3.55
N ARG B 7 27.46 0.99 3.75
CA ARG B 7 28.39 1.05 2.56
C ARG B 7 28.58 -0.28 1.83
N TYR B 8 28.69 -1.35 2.64
CA TYR B 8 28.84 -2.68 2.12
C TYR B 8 27.60 -2.96 1.18
N LEU B 9 26.39 -2.68 1.67
CA LEU B 9 25.21 -2.88 0.84
C LEU B 9 25.23 -1.98 -0.41
N ALA B 10 25.55 -0.70 -0.25
CA ALA B 10 25.61 0.25 -1.39
C ALA B 10 26.57 -0.25 -2.45
N ASP B 11 27.73 -0.73 -2.01
CA ASP B 11 28.77 -1.09 -2.98
C ASP B 11 28.35 -2.38 -3.67
N ARG B 12 27.75 -3.35 -2.94
CA ARG B 12 27.20 -4.55 -3.68
C ARG B 12 26.08 -4.15 -4.64
N LEU B 13 25.19 -3.19 -4.29
CA LEU B 13 24.11 -2.87 -5.21
C LEU B 13 24.72 -2.22 -6.50
N ALA B 14 25.69 -1.34 -6.32
CA ALA B 14 26.36 -0.74 -7.49
C ALA B 14 27.03 -1.85 -8.36
N GLN B 15 27.63 -2.81 -7.68
CA GLN B 15 28.37 -3.84 -8.38
CA GLN B 15 28.37 -3.86 -8.35
C GLN B 15 27.47 -4.70 -9.22
N ILE B 16 26.19 -4.87 -8.81
CA ILE B 16 25.32 -5.72 -9.66
C ILE B 16 24.67 -4.87 -10.77
N GLY B 17 25.07 -3.59 -10.84
CA GLY B 17 24.75 -2.72 -11.98
C GLY B 17 23.58 -1.76 -11.74
N LEU B 18 23.12 -1.57 -10.47
CA LEU B 18 22.14 -0.53 -10.28
C LEU B 18 22.75 0.89 -10.45
N LYS B 19 22.05 1.78 -11.12
CA LYS B 19 22.47 3.15 -11.27
CA LYS B 19 22.55 3.15 -11.15
C LYS B 19 21.64 4.08 -10.30
N HIS B 20 20.61 3.45 -9.70
CA HIS B 20 19.64 4.23 -8.85
C HIS B 20 19.15 3.21 -7.83
N HIS B 21 18.70 3.73 -6.70
CA HIS B 21 17.86 2.93 -5.83
C HIS B 21 16.75 3.87 -5.27
N PHE B 22 15.66 3.29 -4.78
CA PHE B 22 14.49 4.11 -4.50
C PHE B 22 14.26 4.10 -3.00
N ALA B 23 13.77 5.20 -2.43
CA ALA B 23 13.68 5.27 -0.96
C ALA B 23 12.55 6.11 -0.50
N VAL B 24 12.03 5.74 0.69
CA VAL B 24 11.24 6.75 1.43
C VAL B 24 11.83 6.80 2.87
N ALA B 25 12.24 7.98 3.33
CA ALA B 25 12.91 8.08 4.59
C ALA B 25 12.01 7.77 5.81
N GLY B 26 12.61 7.26 6.84
CA GLY B 26 11.94 7.18 8.14
C GLY B 26 13.02 7.02 9.18
N ASP B 27 12.72 7.30 10.46
CA ASP B 27 13.88 7.30 11.31
C ASP B 27 14.67 6.02 11.40
N TYR B 28 14.02 4.86 11.19
CA TYR B 28 14.76 3.62 11.23
C TYR B 28 15.69 3.35 10.03
N ASN B 29 15.62 4.21 9.01
CA ASN B 29 16.54 3.99 7.86
C ASN B 29 17.43 5.20 7.56
N LEU B 30 17.33 6.29 8.35
CA LEU B 30 18.07 7.50 7.93
C LEU B 30 19.61 7.31 7.87
N VAL B 31 20.18 6.59 8.82
CA VAL B 31 21.61 6.38 8.76
C VAL B 31 21.96 5.45 7.61
N LEU B 32 21.11 4.48 7.32
CA LEU B 32 21.32 3.63 6.17
C LEU B 32 21.30 4.49 4.91
N LEU B 33 20.28 5.36 4.75
CA LEU B 33 20.24 6.20 3.54
C LEU B 33 21.49 7.10 3.42
N ASP B 34 21.98 7.61 4.53
CA ASP B 34 23.27 8.34 4.47
C ASP B 34 24.46 7.49 3.98
N GLN B 35 24.51 6.20 4.35
CA GLN B 35 25.63 5.32 3.93
C GLN B 35 25.42 5.11 2.42
N LEU B 36 24.18 4.87 1.96
CA LEU B 36 23.94 4.62 0.51
CA LEU B 36 23.87 4.67 0.52
C LEU B 36 24.30 5.86 -0.35
N LEU B 37 24.09 7.10 0.17
CA LEU B 37 24.43 8.32 -0.51
C LEU B 37 25.94 8.40 -0.76
N LEU B 38 26.73 7.64 -0.01
CA LEU B 38 28.19 7.78 -0.24
C LEU B 38 28.61 7.06 -1.50
N ASN B 39 27.77 6.20 -2.08
CA ASN B 39 28.20 5.52 -3.28
C ASN B 39 27.81 6.41 -4.47
N THR B 40 28.79 6.91 -5.22
CA THR B 40 28.40 7.87 -6.24
C THR B 40 28.24 7.15 -7.60
N ASP B 41 28.25 5.82 -7.69
CA ASP B 41 27.79 5.16 -8.91
C ASP B 41 26.23 5.11 -9.02
N MET B 42 25.55 5.40 -7.91
CA MET B 42 24.05 5.39 -7.87
C MET B 42 23.47 6.73 -7.51
N GLN B 43 22.27 7.01 -7.97
CA GLN B 43 21.49 8.16 -7.48
CA GLN B 43 21.53 8.16 -7.45
C GLN B 43 20.44 7.61 -6.58
N GLN B 44 20.27 8.23 -5.42
CA GLN B 44 19.17 7.89 -4.51
C GLN B 44 17.90 8.65 -4.88
N ILE B 45 16.83 7.93 -5.16
CA ILE B 45 15.60 8.54 -5.69
C ILE B 45 14.50 8.43 -4.64
N TYR B 46 13.82 9.52 -4.37
CA TYR B 46 12.78 9.50 -3.30
C TYR B 46 11.41 9.35 -3.90
N CYS B 47 10.58 8.56 -3.26
CA CYS B 47 9.25 8.22 -3.83
C CYS B 47 8.17 8.85 -2.96
N SER B 48 6.95 8.95 -3.50
CA SER B 48 5.89 9.68 -2.71
C SER B 48 5.41 8.81 -1.57
N ASN B 49 5.32 7.47 -1.81
CA ASN B 49 4.81 6.52 -0.77
C ASN B 49 5.48 5.18 -1.08
N GLU B 50 5.38 4.23 -0.13
CA GLU B 50 6.16 3.00 -0.26
C GLU B 50 5.59 2.06 -1.28
N LEU B 51 4.27 2.07 -1.51
CA LEU B 51 3.77 1.16 -2.57
C LEU B 51 4.37 1.62 -3.92
N ASN B 52 4.43 2.97 -4.09
CA ASN B 52 4.98 3.53 -5.35
C ASN B 52 6.47 3.26 -5.39
N CYS B 53 7.10 3.34 -4.26
CA CYS B 53 8.56 3.05 -4.15
C CYS B 53 8.85 1.63 -4.66
N GLY B 54 8.06 0.69 -4.16
CA GLY B 54 8.27 -0.71 -4.48
C GLY B 54 7.98 -0.91 -6.01
N PHE B 55 6.91 -0.26 -6.57
CA PHE B 55 6.65 -0.53 -8.03
C PHE B 55 7.59 0.24 -8.89
N SER B 56 8.17 1.35 -8.43
CA SER B 56 9.25 2.00 -9.20
C SER B 56 10.43 1.10 -9.30
N ALA B 57 10.79 0.40 -8.22
CA ALA B 57 11.92 -0.53 -8.29
C ALA B 57 11.54 -1.74 -9.21
N GLU B 58 10.29 -2.18 -9.16
CA GLU B 58 9.88 -3.26 -10.03
C GLU B 58 10.03 -2.84 -11.54
N GLY B 59 9.57 -1.65 -11.88
CA GLY B 59 9.69 -1.14 -13.27
C GLY B 59 11.17 -0.98 -13.63
N TYR B 60 11.97 -0.42 -12.72
CA TYR B 60 13.42 -0.28 -12.96
C TYR B 60 14.06 -1.64 -13.28
N ALA B 61 13.70 -2.68 -12.53
CA ALA B 61 14.33 -4.01 -12.71
C ALA B 61 13.96 -4.58 -14.12
N ARG B 62 12.82 -4.23 -14.64
CA ARG B 62 12.42 -4.75 -15.99
C ARG B 62 13.42 -4.28 -17.02
N ALA B 63 13.91 -3.06 -16.86
CA ALA B 63 14.95 -2.56 -17.80
C ALA B 63 16.39 -2.89 -17.38
N ASN B 64 16.70 -2.67 -16.09
CA ASN B 64 18.06 -2.83 -15.64
C ASN B 64 18.44 -4.21 -15.41
N GLY B 65 17.53 -5.08 -14.93
CA GLY B 65 17.90 -6.44 -14.53
C GLY B 65 17.66 -6.65 -13.05
N ALA B 66 17.79 -5.61 -12.24
CA ALA B 66 17.63 -5.80 -10.75
C ALA B 66 17.18 -4.38 -10.23
N ALA B 67 16.83 -4.28 -8.93
CA ALA B 67 16.59 -2.96 -8.43
C ALA B 67 16.57 -3.02 -6.93
N ALA B 68 16.52 -1.88 -6.28
CA ALA B 68 16.47 -1.92 -4.79
C ALA B 68 15.54 -0.79 -4.32
N ALA B 69 14.84 -1.05 -3.16
CA ALA B 69 13.98 -0.01 -2.60
C ALA B 69 14.29 -0.07 -1.10
N ILE B 70 14.34 1.12 -0.46
CA ILE B 70 14.59 1.12 0.96
C ILE B 70 13.45 1.85 1.69
N VAL B 71 13.00 1.23 2.80
CA VAL B 71 11.80 1.76 3.41
C VAL B 71 12.01 1.68 4.90
N THR B 72 11.06 2.32 5.64
CA THR B 72 11.11 2.21 7.12
C THR B 72 10.33 1.03 7.64
N PHE B 73 10.59 0.67 8.89
CA PHE B 73 9.97 -0.55 9.45
C PHE B 73 8.43 -0.42 9.58
N SER B 74 7.76 -1.49 9.10
CA SER B 74 6.35 -1.74 9.27
C SER B 74 5.48 -0.82 8.48
N VAL B 75 5.41 0.46 8.85
CA VAL B 75 4.56 1.42 8.04
C VAL B 75 5.07 1.64 6.65
N GLY B 76 6.36 1.37 6.44
CA GLY B 76 6.87 1.50 5.04
C GLY B 76 6.80 0.11 4.42
N ALA B 77 7.35 -0.88 5.11
CA ALA B 77 7.56 -2.17 4.45
C ALA B 77 6.26 -2.84 4.14
N LEU B 78 5.16 -2.69 4.94
CA LEU B 78 4.02 -3.55 4.63
CA LEU B 78 3.99 -3.49 4.65
C LEU B 78 3.38 -3.06 3.32
N SER B 79 3.50 -1.77 2.96
CA SER B 79 2.93 -1.32 1.66
C SER B 79 3.88 -1.81 0.56
N ALA B 80 5.17 -1.71 0.80
CA ALA B 80 6.16 -2.18 -0.19
C ALA B 80 5.99 -3.70 -0.44
N PHE B 81 5.51 -4.48 0.53
CA PHE B 81 5.23 -5.90 0.29
C PHE B 81 4.27 -6.18 -0.86
N ASN B 82 3.30 -5.30 -1.12
CA ASN B 82 2.38 -5.56 -2.26
C ASN B 82 3.22 -5.53 -3.53
N ALA B 83 4.09 -4.54 -3.64
CA ALA B 83 4.94 -4.50 -4.79
C ALA B 83 5.97 -5.55 -4.81
N LEU B 84 6.44 -6.07 -3.63
CA LEU B 84 7.47 -7.13 -3.59
C LEU B 84 6.84 -8.46 -4.07
N GLY B 85 5.61 -8.70 -3.56
CA GLY B 85 4.87 -9.93 -4.05
C GLY B 85 4.69 -9.75 -5.60
N GLY B 86 4.42 -8.54 -6.05
CA GLY B 86 4.32 -8.22 -7.52
C GLY B 86 5.61 -8.60 -8.22
N ALA B 87 6.74 -8.20 -7.65
CA ALA B 87 8.06 -8.60 -8.28
C ALA B 87 8.20 -10.12 -8.33
N TYR B 88 7.75 -10.87 -7.28
CA TYR B 88 7.86 -12.33 -7.24
C TYR B 88 7.02 -12.86 -8.42
N ALA B 89 5.79 -12.35 -8.52
CA ALA B 89 4.84 -12.81 -9.56
C ALA B 89 5.39 -12.55 -10.96
N GLU B 90 6.19 -11.49 -11.10
CA GLU B 90 6.69 -11.06 -12.42
C GLU B 90 8.15 -11.41 -12.58
N ASN B 91 8.71 -12.28 -11.71
CA ASN B 91 10.10 -12.81 -11.85
C ASN B 91 11.17 -11.72 -11.96
N LEU B 92 11.11 -10.76 -11.01
CA LEU B 92 12.07 -9.66 -11.03
C LEU B 92 12.82 -9.59 -9.72
N PRO B 93 14.17 -9.52 -9.77
CA PRO B 93 14.95 -9.50 -8.53
C PRO B 93 15.07 -8.07 -7.97
N VAL B 94 14.00 -7.71 -7.25
CA VAL B 94 13.96 -6.43 -6.50
C VAL B 94 14.44 -6.77 -5.10
N ILE B 95 15.33 -5.95 -4.50
CA ILE B 95 15.77 -6.24 -3.10
C ILE B 95 15.04 -5.11 -2.34
N LEU B 96 14.26 -5.53 -1.35
CA LEU B 96 13.63 -4.55 -0.42
C LEU B 96 14.43 -4.53 0.82
N ILE B 97 14.93 -3.34 1.20
CA ILE B 97 15.69 -3.24 2.44
C ILE B 97 14.89 -2.37 3.36
N SER B 98 14.62 -2.87 4.58
CA SER B 98 13.87 -2.05 5.54
C SER B 98 14.83 -1.72 6.67
N GLY B 99 14.64 -0.49 7.16
CA GLY B 99 15.30 -0.12 8.44
C GLY B 99 14.52 -0.88 9.55
N ALA B 100 15.10 -1.11 10.74
CA ALA B 100 14.49 -2.01 11.75
C ALA B 100 14.98 -1.50 13.13
N PRO B 101 14.33 -1.99 14.14
CA PRO B 101 14.66 -1.48 15.50
C PRO B 101 16.12 -1.62 15.87
N ASN B 102 16.53 -0.73 16.79
CA ASN B 102 17.86 -0.80 17.36
C ASN B 102 18.11 -2.16 17.93
N ALA B 103 19.29 -2.75 17.67
CA ALA B 103 19.52 -4.12 18.10
C ALA B 103 19.41 -4.26 19.62
N ASN B 104 19.69 -3.19 20.37
CA ASN B 104 19.68 -3.30 21.85
C ASN B 104 18.26 -3.40 22.37
N ASP B 105 17.27 -3.13 21.51
CA ASP B 105 15.88 -3.37 21.96
C ASP B 105 15.48 -4.83 21.89
N HIS B 106 16.19 -5.67 21.12
CA HIS B 106 15.82 -7.09 21.12
C HIS B 106 16.09 -7.69 22.50
N GLY B 107 15.15 -8.50 22.95
CA GLY B 107 15.31 -9.13 24.26
C GLY B 107 14.92 -8.31 25.44
N THR B 108 14.26 -7.18 25.23
CA THR B 108 13.87 -6.23 26.30
C THR B 108 12.40 -6.24 26.60
N GLY B 109 11.57 -6.61 25.62
CA GLY B 109 10.13 -6.31 25.86
C GLY B 109 9.70 -4.87 25.60
N HIS B 110 10.63 -4.00 25.16
CA HIS B 110 10.25 -2.64 24.74
C HIS B 110 9.24 -2.62 23.61
N ILE B 111 8.25 -1.77 23.81
CA ILE B 111 7.28 -1.52 22.72
C ILE B 111 7.80 -0.36 21.89
N LEU B 112 7.75 -0.49 20.54
CA LEU B 112 8.42 0.51 19.69
C LEU B 112 7.43 1.10 18.69
N HIS B 113 7.68 2.35 18.34
CA HIS B 113 6.84 3.02 17.34
C HIS B 113 6.95 2.26 15.99
N HIS B 114 5.87 2.39 15.26
CA HIS B 114 5.62 1.68 13.99
C HIS B 114 5.43 0.19 14.20
N THR B 115 5.17 -0.31 15.38
CA THR B 115 4.92 -1.76 15.49
C THR B 115 3.52 -1.97 15.97
N LEU B 116 3.10 -3.24 16.07
CA LEU B 116 1.70 -3.55 16.46
C LEU B 116 1.47 -3.20 17.92
N GLY B 117 2.55 -2.78 18.69
CA GLY B 117 2.29 -2.49 20.09
C GLY B 117 2.50 -3.69 20.98
N THR B 118 3.08 -4.76 20.46
CA THR B 118 3.32 -5.94 21.32
C THR B 118 4.83 -6.11 21.35
N THR B 119 5.27 -7.15 22.04
CA THR B 119 6.68 -7.32 22.21
C THR B 119 7.34 -7.95 20.96
N ASP B 120 6.63 -8.10 19.89
CA ASP B 120 7.07 -8.94 18.67
C ASP B 120 7.72 -7.94 17.73
N TYR B 121 9.01 -8.16 17.32
CA TYR B 121 9.44 -7.34 16.21
C TYR B 121 9.68 -8.28 15.00
N GLY B 122 9.43 -9.58 15.11
CA GLY B 122 9.77 -10.48 13.97
C GLY B 122 8.64 -10.69 12.99
N TYR B 123 7.48 -10.08 13.18
CA TYR B 123 6.34 -10.37 12.27
C TYR B 123 6.62 -9.85 10.87
N GLN B 124 7.40 -8.75 10.75
CA GLN B 124 7.62 -8.19 9.42
C GLN B 124 8.48 -9.20 8.61
N LEU B 125 9.57 -9.71 9.14
CA LEU B 125 10.38 -10.73 8.47
CA LEU B 125 10.37 -10.68 8.35
C LEU B 125 9.54 -11.98 8.12
N GLU B 126 8.79 -12.41 9.11
CA GLU B 126 7.95 -13.61 8.90
CA GLU B 126 7.98 -13.62 8.89
C GLU B 126 7.03 -13.38 7.72
N MET B 127 6.42 -12.22 7.66
CA MET B 127 5.47 -11.92 6.53
C MET B 127 6.27 -11.91 5.21
N ALA B 128 7.45 -11.28 5.24
CA ALA B 128 8.29 -11.13 4.00
C ALA B 128 8.69 -12.51 3.45
N ARG B 129 8.84 -13.50 4.35
CA ARG B 129 9.28 -14.82 3.84
C ARG B 129 8.26 -15.40 2.89
N HIS B 130 7.00 -14.99 2.94
CA HIS B 130 6.03 -15.57 2.03
C HIS B 130 6.08 -15.01 0.65
N ILE B 131 6.82 -13.92 0.40
CA ILE B 131 6.77 -13.27 -0.89
C ILE B 131 8.14 -13.06 -1.44
N THR B 132 9.12 -13.83 -0.93
CA THR B 132 10.50 -13.60 -1.44
C THR B 132 11.24 -14.96 -1.56
N CYS B 133 12.43 -14.94 -2.16
CA CYS B 133 13.25 -16.13 -2.24
C CYS B 133 14.30 -16.15 -1.13
N ALA B 134 14.51 -15.01 -0.43
CA ALA B 134 15.52 -14.97 0.68
C ALA B 134 15.07 -13.78 1.52
N ALA B 135 15.24 -13.92 2.84
CA ALA B 135 14.81 -12.87 3.74
C ALA B 135 15.75 -12.95 4.92
N GLU B 136 16.43 -11.82 5.24
CA GLU B 136 17.37 -11.91 6.34
C GLU B 136 17.27 -10.62 7.23
N SER B 137 17.70 -10.73 8.49
CA SER B 137 17.71 -9.58 9.39
C SER B 137 19.17 -9.45 9.90
N ILE B 138 19.71 -8.23 9.82
CA ILE B 138 21.08 -7.92 10.33
C ILE B 138 20.89 -7.20 11.69
N VAL B 139 21.40 -7.81 12.76
CA VAL B 139 21.41 -7.13 14.06
C VAL B 139 22.83 -6.95 14.54
N ALA B 140 23.79 -7.49 13.81
CA ALA B 140 25.21 -7.37 14.20
C ALA B 140 26.05 -7.21 12.95
N ALA B 141 26.98 -6.24 12.99
CA ALA B 141 27.75 -5.92 11.79
C ALA B 141 28.56 -7.10 11.27
N GLU B 142 29.06 -7.95 12.18
CA GLU B 142 29.86 -9.06 11.71
C GLU B 142 29.07 -10.05 10.81
N ASP B 143 27.74 -10.07 10.94
CA ASP B 143 26.85 -10.97 10.10
C ASP B 143 26.50 -10.31 8.83
N ALA B 144 26.80 -8.99 8.72
CA ALA B 144 26.14 -8.23 7.58
C ALA B 144 26.64 -8.73 6.23
N PRO B 145 27.95 -9.02 6.07
CA PRO B 145 28.32 -9.36 4.64
C PRO B 145 27.62 -10.64 4.13
N ALA B 146 27.65 -11.69 4.95
CA ALA B 146 27.00 -12.98 4.58
C ALA B 146 25.51 -12.71 4.27
N LYS B 147 24.80 -11.90 5.12
CA LYS B 147 23.37 -11.74 4.84
C LYS B 147 23.12 -10.93 3.61
N ILE B 148 23.87 -9.82 3.47
CA ILE B 148 23.72 -9.03 2.22
C ILE B 148 24.05 -9.85 1.00
N ASP B 149 25.16 -10.59 1.03
CA ASP B 149 25.53 -11.31 -0.20
C ASP B 149 24.53 -12.45 -0.46
N HIS B 150 24.03 -13.10 0.62
CA HIS B 150 23.06 -14.18 0.45
C HIS B 150 21.79 -13.60 -0.23
N VAL B 151 21.26 -12.45 0.28
CA VAL B 151 20.01 -12.00 -0.30
CA VAL B 151 20.04 -11.85 -0.26
C VAL B 151 20.23 -11.55 -1.77
N ILE B 152 21.37 -10.90 -2.07
CA ILE B 152 21.54 -10.44 -3.48
C ILE B 152 21.85 -11.61 -4.40
N ARG B 153 22.76 -12.48 -4.00
CA ARG B 153 23.09 -13.61 -4.90
C ARG B 153 21.88 -14.51 -5.16
N THR B 154 21.04 -14.72 -4.13
CA THR B 154 19.84 -15.63 -4.31
C THR B 154 18.84 -14.92 -5.20
N ALA B 155 18.59 -13.62 -4.98
CA ALA B 155 17.61 -12.93 -5.81
C ALA B 155 18.02 -12.97 -7.30
N LEU B 156 19.28 -12.77 -7.54
CA LEU B 156 19.76 -12.72 -8.96
C LEU B 156 19.77 -14.12 -9.61
N ARG B 157 20.06 -15.12 -8.84
CA ARG B 157 20.04 -16.51 -9.38
C ARG B 157 18.59 -16.91 -9.67
N GLU B 158 17.69 -16.63 -8.71
CA GLU B 158 16.27 -17.10 -8.88
C GLU B 158 15.45 -16.23 -9.75
N LYS B 159 15.89 -14.98 -9.98
CA LYS B 159 15.04 -13.90 -10.58
CA LYS B 159 15.05 -13.97 -10.61
C LYS B 159 13.79 -13.82 -9.78
N LYS B 160 13.97 -13.61 -8.47
CA LYS B 160 12.81 -13.36 -7.58
CA LYS B 160 12.85 -13.40 -7.56
C LYS B 160 13.30 -12.34 -6.56
N PRO B 161 12.37 -11.66 -5.94
CA PRO B 161 12.84 -10.63 -5.02
C PRO B 161 13.29 -11.16 -3.67
N ALA B 162 13.95 -10.28 -2.90
CA ALA B 162 14.40 -10.74 -1.60
C ALA B 162 14.30 -9.58 -0.62
N TYR B 163 14.40 -9.89 0.64
CA TYR B 163 14.17 -8.88 1.72
C TYR B 163 15.35 -8.87 2.67
N LEU B 164 15.67 -7.66 3.14
CA LEU B 164 16.77 -7.51 4.10
C LEU B 164 16.29 -6.45 5.11
N GLU B 165 16.36 -6.70 6.40
CA GLU B 165 16.16 -5.59 7.36
C GLU B 165 17.47 -5.36 8.10
N ILE B 166 17.77 -4.12 8.45
CA ILE B 166 19.07 -3.79 9.05
C ILE B 166 18.70 -2.91 10.31
N ALA B 167 19.08 -3.42 11.46
CA ALA B 167 18.86 -2.63 12.71
C ALA B 167 19.40 -1.21 12.53
N CYS B 168 18.64 -0.22 13.00
CA CYS B 168 19.06 1.14 12.72
C CYS B 168 20.38 1.56 13.27
N ASN B 169 20.83 0.97 14.39
CA ASN B 169 22.16 1.38 14.93
C ASN B 169 23.33 0.55 14.33
N VAL B 170 23.04 -0.38 13.44
CA VAL B 170 24.05 -1.23 12.80
C VAL B 170 24.29 -0.72 11.36
N ALA B 171 23.39 0.08 10.74
CA ALA B 171 23.64 0.53 9.34
C ALA B 171 24.94 1.35 9.25
N GLY B 172 25.23 2.10 10.31
CA GLY B 172 26.40 2.95 10.38
C GLY B 172 27.57 2.26 11.14
N ALA B 173 27.47 1.00 11.45
CA ALA B 173 28.52 0.33 12.25
C ALA B 173 29.65 -0.12 11.34
N PRO B 174 30.85 -0.20 11.90
CA PRO B 174 31.95 -0.68 11.04
C PRO B 174 31.77 -2.07 10.50
N CYS B 175 32.27 -2.28 9.28
CA CYS B 175 32.05 -3.58 8.58
C CYS B 175 33.32 -3.81 7.73
N VAL B 176 33.59 -5.09 7.44
CA VAL B 176 34.63 -5.37 6.46
C VAL B 176 34.16 -4.90 5.10
N ARG B 177 35.10 -4.78 4.16
CA ARG B 177 34.76 -4.36 2.78
C ARG B 177 34.38 -5.49 1.88
N PRO B 178 33.67 -5.23 0.75
CA PRO B 178 33.23 -6.31 -0.11
C PRO B 178 34.33 -6.64 -1.18
N GLY B 179 34.59 -7.91 -1.33
CA GLY B 179 35.51 -8.36 -2.40
C GLY B 179 34.79 -9.43 -3.24
N GLY B 180 35.46 -9.86 -4.34
CA GLY B 180 34.75 -10.83 -5.18
C GLY B 180 33.44 -10.14 -5.73
N ILE B 181 32.55 -10.93 -6.30
CA ILE B 181 31.44 -10.37 -7.07
C ILE B 181 30.17 -11.08 -6.61
N ASP B 182 29.07 -10.29 -6.52
CA ASP B 182 27.74 -10.85 -6.40
C ASP B 182 27.10 -10.81 -7.79
N ALA B 183 27.69 -9.99 -8.70
CA ALA B 183 27.17 -9.81 -10.11
C ALA B 183 26.95 -11.10 -10.98
N ASP B 191 26.04 -30.35 -18.25
CA ASP B 191 25.84 -31.79 -18.02
C ASP B 191 25.34 -32.55 -19.22
N GLU B 192 26.29 -33.18 -19.90
CA GLU B 192 26.18 -33.49 -21.29
C GLU B 192 25.18 -34.55 -21.52
N ALA B 193 25.22 -35.57 -20.69
CA ALA B 193 24.38 -36.76 -20.92
C ALA B 193 22.88 -36.43 -20.84
N SER B 194 22.55 -35.62 -19.85
CA SER B 194 21.19 -35.12 -19.62
C SER B 194 20.85 -34.24 -20.77
N LEU B 195 21.76 -33.36 -21.18
CA LEU B 195 21.34 -32.45 -22.25
C LEU B 195 21.13 -33.22 -23.55
N LYS B 196 22.02 -34.17 -23.84
CA LYS B 196 21.86 -35.02 -25.04
C LYS B 196 20.55 -35.82 -25.02
N ALA B 197 20.18 -36.39 -23.88
CA ALA B 197 18.95 -37.16 -23.82
C ALA B 197 17.73 -36.23 -24.09
N ALA B 198 17.78 -35.02 -23.53
CA ALA B 198 16.60 -34.12 -23.62
C ALA B 198 16.53 -33.67 -25.10
N VAL B 199 17.68 -33.28 -25.62
CA VAL B 199 17.68 -32.81 -27.03
C VAL B 199 17.26 -33.92 -27.97
N ASP B 200 17.77 -35.13 -27.77
CA ASP B 200 17.39 -36.23 -28.63
C ASP B 200 15.89 -36.52 -28.61
N ALA B 201 15.28 -36.41 -27.41
CA ALA B 201 13.87 -36.64 -27.32
C ALA B 201 13.12 -35.52 -28.03
N ALA B 202 13.57 -34.28 -27.85
CA ALA B 202 12.87 -33.10 -28.50
C ALA B 202 13.03 -33.22 -30.03
N LEU B 203 14.19 -33.71 -30.48
CA LEU B 203 14.34 -33.83 -31.97
C LEU B 203 13.40 -34.88 -32.49
N ALA B 204 13.09 -35.94 -31.71
CA ALA B 204 12.24 -37.06 -32.19
C ALA B 204 10.82 -36.47 -32.15
N PHE B 205 10.50 -35.66 -31.11
CA PHE B 205 9.17 -35.03 -31.07
C PHE B 205 8.86 -34.23 -32.32
N ILE B 206 9.84 -33.44 -32.74
CA ILE B 206 9.66 -32.61 -33.99
C ILE B 206 9.59 -33.56 -35.23
N GLU B 207 10.52 -34.50 -35.33
CA GLU B 207 10.75 -35.29 -36.57
CA GLU B 207 10.72 -35.18 -36.63
C GLU B 207 9.50 -36.14 -36.84
N GLN B 208 8.88 -36.65 -35.76
CA GLN B 208 7.72 -37.57 -35.84
C GLN B 208 6.43 -36.86 -36.09
N ARG B 209 6.44 -35.50 -36.16
CA ARG B 209 5.21 -34.76 -36.38
C ARG B 209 5.22 -34.12 -37.75
N GLY B 210 4.05 -33.86 -38.25
CA GLY B 210 3.97 -33.18 -39.60
C GLY B 210 4.04 -31.67 -39.44
N SER B 211 3.68 -31.13 -38.28
CA SER B 211 3.60 -29.65 -38.17
C SER B 211 3.83 -29.35 -36.67
N VAL B 212 4.47 -28.22 -36.45
CA VAL B 212 4.84 -27.77 -35.09
CA VAL B 212 4.66 -27.76 -35.04
C VAL B 212 4.61 -26.26 -35.04
N THR B 213 4.21 -25.70 -33.85
CA THR B 213 4.13 -24.25 -33.72
C THR B 213 4.78 -23.88 -32.39
N MET B 214 5.48 -22.76 -32.36
CA MET B 214 6.10 -22.43 -31.07
CA MET B 214 6.16 -22.29 -31.15
C MET B 214 5.19 -21.42 -30.40
N LEU B 215 5.14 -21.53 -29.02
CA LEU B 215 4.30 -20.55 -28.27
C LEU B 215 5.26 -20.02 -27.17
N VAL B 216 5.55 -18.73 -27.24
CA VAL B 216 6.57 -18.14 -26.33
C VAL B 216 5.83 -17.56 -25.11
N GLY B 217 6.35 -17.92 -23.94
CA GLY B 217 5.63 -17.54 -22.66
C GLY B 217 6.41 -16.49 -21.86
N SER B 218 5.71 -15.94 -20.87
CA SER B 218 6.22 -14.74 -20.25
C SER B 218 7.30 -14.96 -19.21
N ARG B 219 7.71 -16.20 -18.98
CA ARG B 219 8.91 -16.49 -18.14
CA ARG B 219 8.91 -16.44 -18.16
CA ARG B 219 8.92 -16.45 -18.16
C ARG B 219 10.17 -16.60 -19.01
N ILE B 220 10.04 -16.35 -20.30
CA ILE B 220 11.24 -16.58 -21.12
C ILE B 220 12.35 -15.49 -20.90
N ARG B 221 11.95 -14.29 -20.51
CA ARG B 221 12.95 -13.29 -20.16
C ARG B 221 13.73 -13.67 -18.89
N ALA B 222 13.00 -14.21 -17.91
CA ALA B 222 13.66 -14.59 -16.66
C ALA B 222 14.68 -15.76 -16.95
N ALA B 223 14.38 -16.61 -17.96
CA ALA B 223 15.25 -17.67 -18.41
C ALA B 223 16.41 -17.17 -19.25
N GLY B 224 16.37 -15.92 -19.65
CA GLY B 224 17.43 -15.37 -20.49
C GLY B 224 17.48 -16.04 -21.87
N ALA B 225 16.33 -16.56 -22.33
CA ALA B 225 16.37 -17.45 -23.48
C ALA B 225 15.75 -16.79 -24.74
N GLN B 226 15.52 -15.50 -24.79
CA GLN B 226 14.85 -14.91 -25.96
C GLN B 226 15.64 -15.10 -27.26
N ALA B 227 16.98 -14.95 -27.18
CA ALA B 227 17.73 -15.07 -28.48
C ALA B 227 17.68 -16.55 -28.92
N GLN B 228 17.81 -17.50 -28.00
CA GLN B 228 17.77 -18.93 -28.37
C GLN B 228 16.42 -19.35 -28.94
N ALA B 229 15.33 -18.72 -28.50
CA ALA B 229 14.02 -18.99 -29.09
C ALA B 229 14.05 -18.56 -30.58
N VAL B 230 14.64 -17.42 -30.84
CA VAL B 230 14.72 -16.99 -32.24
C VAL B 230 15.56 -18.01 -33.04
N ALA B 231 16.68 -18.45 -32.48
CA ALA B 231 17.49 -19.45 -33.25
C ALA B 231 16.67 -20.71 -33.56
N LEU B 232 15.83 -21.15 -32.61
CA LEU B 232 15.08 -22.39 -32.86
C LEU B 232 14.02 -22.03 -33.90
N ALA B 233 13.38 -20.87 -33.82
CA ALA B 233 12.37 -20.51 -34.85
C ALA B 233 13.03 -20.44 -36.24
N ASP B 234 14.24 -19.91 -36.24
CA ASP B 234 14.98 -19.81 -37.60
C ASP B 234 15.17 -21.26 -38.15
N ALA B 235 15.59 -22.18 -37.30
CA ALA B 235 15.88 -23.56 -37.73
C ALA B 235 14.66 -24.36 -38.11
N LEU B 236 13.56 -24.15 -37.41
CA LEU B 236 12.32 -24.93 -37.71
C LEU B 236 11.53 -24.32 -38.88
N GLY B 237 11.56 -22.99 -39.01
CA GLY B 237 10.71 -22.29 -39.99
C GLY B 237 9.22 -22.40 -39.63
N CYS B 238 8.92 -22.73 -38.35
CA CYS B 238 7.51 -22.84 -37.98
C CYS B 238 6.79 -21.51 -37.65
N ALA B 239 5.47 -21.57 -37.52
CA ALA B 239 4.74 -20.41 -36.98
C ALA B 239 5.20 -20.22 -35.49
N VAL B 240 5.37 -18.94 -35.13
CA VAL B 240 5.72 -18.62 -33.70
C VAL B 240 4.61 -17.70 -33.22
N THR B 241 4.15 -17.91 -31.99
CA THR B 241 3.19 -16.99 -31.46
C THR B 241 3.64 -16.68 -30.03
N THR B 242 3.11 -15.59 -29.49
CA THR B 242 3.43 -15.25 -28.09
C THR B 242 2.16 -15.36 -27.26
N MET B 243 2.33 -15.78 -26.02
CA MET B 243 1.19 -15.54 -25.08
C MET B 243 1.10 -14.08 -24.82
N ALA B 244 -0.09 -13.66 -24.35
CA ALA B 244 -0.33 -12.24 -24.22
C ALA B 244 0.72 -11.57 -23.32
N ALA B 245 1.03 -12.22 -22.19
CA ALA B 245 1.96 -11.58 -21.25
C ALA B 245 3.38 -11.60 -21.76
N ALA B 246 3.63 -12.30 -22.88
CA ALA B 246 5.00 -12.31 -23.47
C ALA B 246 5.06 -11.28 -24.60
N LYS B 247 4.14 -10.34 -24.70
CA LYS B 247 4.20 -9.33 -25.77
C LYS B 247 5.54 -8.63 -25.79
N SER B 248 6.21 -8.62 -26.97
CA SER B 248 7.55 -8.07 -27.21
C SER B 248 8.68 -8.97 -26.89
N PHE B 249 8.44 -10.13 -26.29
CA PHE B 249 9.59 -10.98 -25.90
C PHE B 249 10.05 -11.79 -27.10
N PHE B 250 9.32 -11.77 -28.20
CA PHE B 250 9.78 -12.43 -29.47
C PHE B 250 9.60 -11.31 -30.54
N PRO B 251 10.54 -11.18 -31.49
CA PRO B 251 10.50 -10.11 -32.53
C PRO B 251 9.35 -10.23 -33.54
N GLU B 252 8.58 -9.13 -33.67
CA GLU B 252 7.33 -9.26 -34.44
C GLU B 252 7.61 -9.19 -35.94
N ASP B 253 8.85 -8.81 -36.29
CA ASP B 253 9.23 -8.79 -37.74
C ASP B 253 9.91 -10.12 -38.11
N HIS B 254 9.96 -11.13 -37.22
CA HIS B 254 10.53 -12.45 -37.59
C HIS B 254 9.58 -13.07 -38.61
N PRO B 255 10.15 -13.70 -39.65
CA PRO B 255 9.26 -14.18 -40.75
C PRO B 255 8.26 -15.25 -40.35
N GLY B 256 8.53 -15.94 -39.21
CA GLY B 256 7.62 -16.97 -38.67
C GLY B 256 6.58 -16.37 -37.66
N TYR B 257 6.72 -15.10 -37.28
CA TYR B 257 5.76 -14.62 -36.20
C TYR B 257 4.38 -14.46 -36.74
N ARG B 258 3.41 -14.96 -35.98
CA ARG B 258 2.02 -14.88 -36.41
C ARG B 258 1.12 -14.31 -35.34
N GLY B 259 1.72 -13.62 -34.38
CA GLY B 259 0.85 -12.82 -33.41
C GLY B 259 0.69 -13.53 -32.07
N HIS B 260 -0.30 -13.03 -31.34
CA HIS B 260 -0.51 -13.59 -29.97
C HIS B 260 -1.53 -14.73 -30.02
N TYR B 261 -1.18 -15.75 -29.27
CA TYR B 261 -2.14 -16.80 -29.00
C TYR B 261 -2.78 -16.54 -27.69
N TRP B 262 -4.11 -16.44 -27.71
CA TRP B 262 -4.83 -16.11 -26.43
C TRP B 262 -6.23 -16.71 -26.68
N GLY B 263 -6.30 -17.99 -27.02
CA GLY B 263 -7.61 -18.70 -27.31
C GLY B 263 -8.42 -18.00 -28.37
N GLU B 264 -9.66 -17.69 -27.99
CA GLU B 264 -10.52 -17.09 -28.98
C GLU B 264 -10.31 -15.56 -29.19
N VAL B 265 -9.37 -14.93 -28.46
CA VAL B 265 -8.99 -13.55 -28.69
C VAL B 265 -7.55 -13.46 -29.27
N SER B 266 -7.16 -14.51 -30.00
CA SER B 266 -5.84 -14.55 -30.61
C SER B 266 -5.79 -13.63 -31.86
N SER B 267 -4.57 -13.29 -32.32
CA SER B 267 -4.41 -12.59 -33.60
C SER B 267 -5.05 -13.55 -34.66
N PRO B 268 -5.47 -12.99 -35.82
CA PRO B 268 -5.98 -13.85 -36.90
C PRO B 268 -4.98 -14.90 -37.30
N GLY B 269 -5.49 -16.14 -37.44
CA GLY B 269 -4.61 -17.25 -37.77
C GLY B 269 -3.80 -17.88 -36.66
N ALA B 270 -3.61 -17.17 -35.55
CA ALA B 270 -2.76 -17.71 -34.46
C ALA B 270 -3.45 -18.82 -33.64
N GLN B 271 -4.75 -18.74 -33.42
CA GLN B 271 -5.47 -19.79 -32.70
C GLN B 271 -5.34 -21.09 -33.50
N GLN B 272 -5.52 -21.05 -34.81
CA GLN B 272 -5.40 -22.28 -35.58
CA GLN B 272 -5.42 -22.30 -35.51
C GLN B 272 -3.95 -22.75 -35.66
N ALA B 273 -2.98 -21.79 -35.75
CA ALA B 273 -1.61 -22.24 -35.71
C ALA B 273 -1.24 -23.07 -34.54
N VAL B 274 -1.68 -22.65 -33.34
CA VAL B 274 -1.35 -23.39 -32.12
C VAL B 274 -2.27 -24.62 -31.97
N GLU B 275 -3.56 -24.43 -32.10
CA GLU B 275 -4.47 -25.55 -31.71
C GLU B 275 -4.55 -26.61 -32.82
N GLY B 276 -4.22 -26.23 -34.05
CA GLY B 276 -4.31 -27.15 -35.24
C GLY B 276 -2.97 -27.85 -35.48
N ALA B 277 -1.89 -27.49 -34.78
CA ALA B 277 -0.59 -28.11 -35.05
C ALA B 277 -0.53 -29.54 -34.43
N ASP B 278 0.33 -30.41 -34.98
CA ASP B 278 0.56 -31.74 -34.36
C ASP B 278 1.33 -31.62 -33.08
N GLY B 279 2.11 -30.54 -32.94
CA GLY B 279 2.86 -30.41 -31.68
C GLY B 279 3.06 -28.96 -31.43
N VAL B 280 3.06 -28.59 -30.15
CA VAL B 280 3.33 -27.18 -29.79
C VAL B 280 4.59 -27.15 -28.94
N ILE B 281 5.54 -26.28 -29.24
CA ILE B 281 6.77 -26.14 -28.39
C ILE B 281 6.44 -24.89 -27.55
N CYS B 282 6.28 -25.11 -26.23
CA CYS B 282 5.84 -23.99 -25.33
CA CYS B 282 5.84 -24.00 -25.38
C CYS B 282 7.07 -23.59 -24.54
N LEU B 283 7.47 -22.33 -24.67
CA LEU B 283 8.71 -21.87 -24.02
C LEU B 283 8.36 -21.01 -22.78
N ALA B 284 8.59 -21.59 -21.63
CA ALA B 284 8.44 -20.84 -20.37
C ALA B 284 7.10 -20.13 -20.15
N PRO B 285 6.00 -20.90 -20.23
CA PRO B 285 4.65 -20.24 -20.11
C PRO B 285 4.16 -20.03 -18.70
N VAL B 286 3.19 -19.11 -18.55
CA VAL B 286 2.40 -19.02 -17.29
C VAL B 286 1.00 -19.29 -17.72
N PHE B 287 0.50 -20.52 -17.46
CA PHE B 287 -0.90 -20.81 -17.87
C PHE B 287 -1.82 -20.56 -16.66
N ASN B 288 -2.17 -19.31 -16.43
CA ASN B 288 -3.11 -19.02 -15.33
C ASN B 288 -4.48 -18.83 -15.92
N ASP B 289 -5.47 -18.50 -15.07
CA ASP B 289 -6.82 -18.38 -15.55
C ASP B 289 -6.99 -17.28 -16.59
N TYR B 290 -6.26 -16.15 -16.46
CA TYR B 290 -6.42 -15.06 -17.47
C TYR B 290 -5.75 -15.47 -18.79
N ALA B 291 -4.60 -16.12 -18.69
CA ALA B 291 -3.85 -16.45 -19.93
C ALA B 291 -4.61 -17.52 -20.74
N THR B 292 -5.22 -18.45 -20.04
CA THR B 292 -5.97 -19.55 -20.67
C THR B 292 -7.39 -19.17 -20.97
N VAL B 293 -7.74 -17.91 -20.69
CA VAL B 293 -9.09 -17.38 -21.04
C VAL B 293 -10.11 -18.25 -20.29
N GLY B 294 -9.90 -18.28 -18.95
CA GLY B 294 -10.82 -19.15 -18.16
C GLY B 294 -10.70 -20.62 -18.41
N TRP B 295 -9.47 -21.18 -18.64
CA TRP B 295 -9.18 -22.53 -18.74
C TRP B 295 -9.69 -23.10 -20.10
N SER B 296 -9.96 -22.18 -21.03
CA SER B 296 -10.42 -22.63 -22.40
C SER B 296 -9.30 -22.87 -23.39
N ALA B 297 -8.13 -22.27 -23.18
CA ALA B 297 -7.09 -22.26 -24.16
C ALA B 297 -5.78 -22.61 -23.55
N TRP B 298 -5.45 -23.89 -23.43
CA TRP B 298 -4.32 -24.29 -22.55
C TRP B 298 -3.74 -25.55 -23.25
N PRO B 299 -2.77 -25.35 -24.14
CA PRO B 299 -2.12 -26.48 -24.77
C PRO B 299 -1.31 -27.28 -23.74
N LYS B 300 -1.56 -28.60 -23.61
CA LYS B 300 -0.75 -29.35 -22.68
C LYS B 300 -0.81 -30.82 -23.00
N GLY B 301 0.18 -31.53 -22.46
CA GLY B 301 0.13 -33.02 -22.54
C GLY B 301 1.02 -33.54 -23.64
N ASP B 302 0.64 -34.69 -24.19
CA ASP B 302 1.58 -35.48 -24.98
C ASP B 302 2.04 -34.76 -26.24
N ASN B 303 1.23 -33.87 -26.73
CA ASN B 303 1.63 -33.12 -27.97
C ASN B 303 2.24 -31.74 -27.70
N VAL B 304 2.75 -31.59 -26.45
CA VAL B 304 3.42 -30.31 -26.12
C VAL B 304 4.82 -30.62 -25.67
N MET B 305 5.81 -29.89 -26.19
CA MET B 305 7.14 -29.95 -25.64
C MET B 305 7.24 -28.73 -24.69
N LEU B 306 7.21 -29.00 -23.36
CA LEU B 306 7.17 -27.88 -22.41
C LEU B 306 8.58 -27.57 -21.98
N VAL B 307 9.07 -26.39 -22.34
CA VAL B 307 10.48 -26.08 -22.11
C VAL B 307 10.47 -25.04 -20.99
N GLU B 308 11.10 -25.35 -19.87
CA GLU B 308 11.17 -24.40 -18.74
CA GLU B 308 11.23 -24.26 -18.84
C GLU B 308 12.65 -24.11 -18.45
N ARG B 309 12.92 -23.19 -17.47
CA ARG B 309 14.23 -22.67 -17.35
CA ARG B 309 14.23 -22.71 -17.18
C ARG B 309 15.25 -23.79 -17.02
N HIS B 310 14.87 -24.78 -16.19
CA HIS B 310 15.83 -25.85 -15.90
C HIS B 310 15.32 -27.24 -16.20
N ALA B 311 14.26 -27.35 -17.01
CA ALA B 311 13.66 -28.72 -17.25
C ALA B 311 12.94 -28.67 -18.57
N VAL B 312 12.87 -29.80 -19.27
CA VAL B 312 12.00 -29.88 -20.45
C VAL B 312 11.18 -31.15 -20.24
N THR B 313 9.86 -31.05 -20.55
CA THR B 313 9.04 -32.24 -20.50
C THR B 313 8.57 -32.53 -21.91
N VAL B 314 8.92 -33.70 -22.39
CA VAL B 314 8.56 -34.03 -23.80
C VAL B 314 8.54 -35.58 -23.86
N GLY B 315 7.64 -36.06 -24.71
CA GLY B 315 7.54 -37.51 -24.99
C GLY B 315 7.36 -38.34 -23.72
N GLY B 316 6.63 -37.79 -22.77
CA GLY B 316 6.26 -38.55 -21.52
C GLY B 316 7.41 -38.58 -20.51
N VAL B 317 8.42 -37.73 -20.65
CA VAL B 317 9.55 -37.74 -19.71
C VAL B 317 9.85 -36.28 -19.31
N ALA B 318 10.16 -36.06 -18.02
CA ALA B 318 10.58 -34.69 -17.55
C ALA B 318 12.08 -34.77 -17.42
N TYR B 319 12.79 -34.00 -18.22
CA TYR B 319 14.30 -34.04 -18.16
C TYR B 319 14.70 -32.89 -17.27
N ALA B 320 15.29 -33.23 -16.14
CA ALA B 320 15.75 -32.22 -15.13
C ALA B 320 17.24 -31.88 -15.34
N GLY B 321 17.71 -30.80 -14.75
CA GLY B 321 19.16 -30.53 -14.81
C GLY B 321 19.65 -29.98 -16.18
N ILE B 322 18.82 -29.28 -16.89
N ILE B 322 18.75 -29.31 -16.91
CA ILE B 322 19.31 -28.74 -18.16
CA ILE B 322 18.97 -28.77 -18.31
C ILE B 322 18.82 -27.31 -18.32
C ILE B 322 18.71 -27.26 -18.42
N ASP B 323 19.70 -26.48 -18.84
CA ASP B 323 19.47 -25.08 -18.92
C ASP B 323 18.74 -24.82 -20.24
N MET B 324 17.65 -24.05 -20.17
CA MET B 324 16.82 -23.81 -21.34
C MET B 324 17.63 -23.20 -22.53
N ARG B 325 18.61 -22.36 -22.22
CA ARG B 325 19.40 -21.77 -23.26
C ARG B 325 20.27 -22.79 -24.01
N ASP B 326 20.98 -23.67 -23.30
CA ASP B 326 21.84 -24.67 -23.91
C ASP B 326 20.92 -25.63 -24.69
N PHE B 327 19.80 -25.99 -24.08
CA PHE B 327 18.84 -26.84 -24.74
C PHE B 327 18.35 -26.32 -26.13
N LEU B 328 17.87 -25.08 -26.15
CA LEU B 328 17.34 -24.50 -27.38
C LEU B 328 18.45 -24.35 -28.44
N THR B 329 19.60 -23.92 -27.97
CA THR B 329 20.72 -23.79 -28.96
C THR B 329 21.05 -25.16 -29.59
N ARG B 330 21.22 -26.19 -28.79
CA ARG B 330 21.52 -27.53 -29.38
CA ARG B 330 21.56 -27.54 -29.34
C ARG B 330 20.40 -28.07 -30.21
N LEU B 331 19.16 -27.86 -29.76
CA LEU B 331 18.01 -28.29 -30.54
C LEU B 331 17.96 -27.58 -31.91
N ALA B 332 18.20 -26.27 -31.92
CA ALA B 332 18.13 -25.49 -33.17
C ALA B 332 19.23 -26.01 -34.12
N ALA B 333 20.38 -26.40 -33.57
CA ALA B 333 21.56 -26.75 -34.44
C ALA B 333 21.24 -28.07 -35.12
N HIS B 334 20.29 -28.89 -34.63
CA HIS B 334 20.11 -30.25 -35.14
C HIS B 334 18.74 -30.53 -35.70
N THR B 335 17.74 -29.64 -35.49
CA THR B 335 16.42 -30.03 -35.84
C THR B 335 16.19 -30.06 -37.37
N VAL B 336 15.24 -30.89 -37.82
CA VAL B 336 14.73 -30.75 -39.16
C VAL B 336 13.82 -29.57 -39.20
N ARG B 337 13.54 -29.12 -40.42
CA ARG B 337 12.58 -28.06 -40.66
CA ARG B 337 12.57 -28.04 -40.63
C ARG B 337 11.16 -28.58 -40.61
N ARG B 338 10.23 -27.82 -40.03
CA ARG B 338 8.84 -28.12 -40.03
C ARG B 338 8.08 -26.81 -40.25
N ASP B 339 7.97 -26.41 -41.50
CA ASP B 339 7.42 -25.11 -41.76
C ASP B 339 5.98 -25.05 -42.15
N ALA B 340 5.23 -26.15 -42.01
CA ALA B 340 3.88 -26.14 -42.53
C ALA B 340 3.01 -25.11 -41.87
N THR B 341 3.17 -24.87 -40.55
CA THR B 341 2.24 -23.87 -40.01
C THR B 341 2.58 -22.38 -40.34
N ALA B 342 3.72 -22.13 -40.90
CA ALA B 342 4.06 -20.78 -41.29
C ALA B 342 3.89 -20.52 -42.81
N ARG B 343 4.04 -21.55 -43.63
CA ARG B 343 4.34 -21.24 -45.08
C ARG B 343 3.22 -20.48 -45.66
N GLY B 344 3.62 -19.38 -46.36
CA GLY B 344 2.60 -18.53 -47.01
C GLY B 344 1.75 -17.65 -46.09
N GLY B 345 1.96 -17.71 -44.75
CA GLY B 345 1.07 -16.97 -43.84
C GLY B 345 1.81 -15.65 -43.42
N ALA B 346 1.13 -14.82 -42.65
CA ALA B 346 1.78 -13.58 -42.17
C ALA B 346 1.09 -13.20 -40.86
N TYR B 347 1.79 -12.33 -40.11
CA TYR B 347 1.20 -11.79 -38.88
C TYR B 347 0.20 -10.68 -39.34
N VAL B 348 -1.02 -10.78 -38.84
CA VAL B 348 -2.10 -9.89 -39.22
C VAL B 348 -2.37 -8.96 -38.05
N THR B 349 -2.27 -7.65 -38.31
CA THR B 349 -2.41 -6.62 -37.27
C THR B 349 -3.55 -5.70 -37.67
N PRO B 350 -4.06 -4.90 -36.72
CA PRO B 350 -5.26 -4.10 -37.09
C PRO B 350 -4.90 -3.07 -38.16
N GLN B 351 -5.82 -2.84 -39.09
CA GLN B 351 -5.52 -1.86 -40.13
C GLN B 351 -6.64 -0.83 -40.12
N THR B 352 -6.83 -0.10 -39.03
CA THR B 352 -7.99 0.76 -38.87
C THR B 352 -7.78 2.03 -39.70
N PRO B 353 -8.73 2.41 -40.57
CA PRO B 353 -8.45 3.66 -41.33
C PRO B 353 -8.50 4.85 -40.36
N ALA B 354 -7.72 5.87 -40.64
CA ALA B 354 -7.79 7.10 -39.86
C ALA B 354 -9.21 7.66 -39.78
N ALA B 355 -9.64 8.07 -38.56
CA ALA B 355 -10.93 8.72 -38.37
C ALA B 355 -10.92 10.12 -39.00
N ALA B 356 -12.10 10.63 -39.35
CA ALA B 356 -12.19 12.08 -39.64
C ALA B 356 -11.63 12.82 -38.41
N PRO B 357 -10.78 13.83 -38.61
CA PRO B 357 -10.14 14.46 -37.46
C PRO B 357 -11.11 15.07 -36.46
N THR B 358 -12.27 15.56 -36.88
CA THR B 358 -13.18 16.22 -35.91
C THR B 358 -14.25 15.29 -35.31
N ALA B 359 -14.27 14.01 -35.69
CA ALA B 359 -15.21 13.07 -35.11
C ALA B 359 -14.84 12.82 -33.61
N PRO B 360 -15.83 12.53 -32.76
CA PRO B 360 -15.49 12.15 -31.35
C PRO B 360 -14.42 11.01 -31.33
N LEU B 361 -13.45 11.13 -30.45
CA LEU B 361 -12.35 10.14 -30.41
C LEU B 361 -12.93 8.79 -30.03
N ASN B 362 -12.49 7.75 -30.69
CA ASN B 362 -12.90 6.41 -30.20
C ASN B 362 -11.67 5.55 -29.97
N ASN B 363 -11.87 4.39 -29.34
CA ASN B 363 -10.73 3.53 -28.91
C ASN B 363 -9.87 3.16 -30.08
N ALA B 364 -10.52 2.80 -31.21
CA ALA B 364 -9.75 2.32 -32.32
C ALA B 364 -8.87 3.45 -32.90
N GLU B 365 -9.39 4.69 -32.95
CA GLU B 365 -8.57 5.82 -33.39
C GLU B 365 -7.45 6.18 -32.48
N MET B 366 -7.72 6.07 -31.15
CA MET B 366 -6.64 6.35 -30.19
C MET B 366 -5.55 5.29 -30.34
N ALA B 367 -5.93 4.01 -30.34
CA ALA B 367 -4.93 2.93 -30.47
C ALA B 367 -4.13 3.03 -31.77
N ARG B 368 -4.82 3.50 -32.83
CA ARG B 368 -4.11 3.63 -34.15
C ARG B 368 -3.00 4.68 -33.98
N GLN B 369 -3.27 5.81 -33.31
CA GLN B 369 -2.28 6.87 -33.19
C GLN B 369 -1.16 6.42 -32.24
N ILE B 370 -1.55 5.74 -31.14
CA ILE B 370 -0.46 5.22 -30.29
C ILE B 370 0.46 4.24 -30.98
N GLY B 371 -0.14 3.26 -31.70
CA GLY B 371 0.68 2.30 -32.45
C GLY B 371 1.61 2.99 -33.45
N ALA B 372 1.17 4.11 -34.05
CA ALA B 372 1.97 4.85 -35.05
C ALA B 372 3.13 5.55 -34.35
N LEU B 373 2.97 5.85 -33.06
CA LEU B 373 4.10 6.48 -32.30
C LEU B 373 5.23 5.55 -31.97
N LEU B 374 4.99 4.21 -31.97
CA LEU B 374 6.03 3.26 -31.51
C LEU B 374 7.23 3.27 -32.48
N THR B 375 8.38 3.21 -31.88
CA THR B 375 9.69 3.06 -32.57
C THR B 375 10.50 1.86 -32.04
N PRO B 376 11.59 1.45 -32.70
CA PRO B 376 12.46 0.44 -32.17
C PRO B 376 13.05 0.73 -30.82
N ARG B 377 13.07 2.02 -30.44
CA ARG B 377 13.58 2.51 -29.19
CA ARG B 377 13.61 2.33 -29.12
C ARG B 377 12.51 2.76 -28.11
N THR B 378 11.25 2.36 -28.38
CA THR B 378 10.12 2.69 -27.45
C THR B 378 10.03 1.59 -26.41
N THR B 379 9.75 2.05 -25.16
CA THR B 379 9.27 1.10 -24.10
C THR B 379 7.85 1.53 -23.78
N LEU B 380 6.87 0.66 -23.96
CA LEU B 380 5.49 0.99 -23.77
C LEU B 380 5.10 0.21 -22.55
N THR B 381 4.69 0.92 -21.49
CA THR B 381 4.17 0.28 -20.25
C THR B 381 2.67 0.37 -20.33
N ALA B 382 1.98 -0.77 -20.16
CA ALA B 382 0.52 -0.82 -20.40
C ALA B 382 -0.17 -1.35 -19.13
N GLU B 383 -1.14 -0.58 -18.67
CA GLU B 383 -1.76 -0.93 -17.34
C GLU B 383 -2.83 -2.00 -17.57
N THR B 384 -3.14 -2.72 -16.45
CA THR B 384 -4.28 -3.63 -16.40
C THR B 384 -5.53 -2.78 -16.67
N GLY B 385 -6.36 -3.35 -17.53
CA GLY B 385 -7.53 -2.61 -18.03
C GLY B 385 -7.63 -2.85 -19.54
N ASP B 386 -8.47 -2.06 -20.25
CA ASP B 386 -8.41 -2.30 -21.71
C ASP B 386 -7.07 -1.97 -22.33
N SER B 387 -6.20 -1.22 -21.65
CA SER B 387 -4.89 -1.03 -22.20
C SER B 387 -4.15 -2.32 -22.41
N TRP B 388 -4.40 -3.39 -21.65
CA TRP B 388 -3.77 -4.71 -21.95
C TRP B 388 -4.13 -5.12 -23.38
N PHE B 389 -5.38 -4.90 -23.78
CA PHE B 389 -5.80 -5.49 -25.08
C PHE B 389 -5.35 -4.54 -26.19
N ASN B 390 -5.40 -3.25 -25.94
CA ASN B 390 -4.85 -2.32 -26.99
C ASN B 390 -3.34 -2.60 -27.16
N ALA B 391 -2.59 -2.79 -26.05
CA ALA B 391 -1.15 -3.02 -26.20
C ALA B 391 -0.86 -4.33 -26.94
N VAL B 392 -1.58 -5.40 -26.63
CA VAL B 392 -1.24 -6.68 -27.25
C VAL B 392 -1.58 -6.61 -28.75
N ARG B 393 -2.56 -5.76 -29.11
CA ARG B 393 -2.89 -5.59 -30.54
C ARG B 393 -1.88 -4.74 -31.31
N MET B 394 -0.96 -4.07 -30.65
CA MET B 394 -0.09 -3.20 -31.45
CA MET B 394 0.02 -3.19 -31.30
C MET B 394 0.97 -3.95 -32.20
N LYS B 395 1.23 -3.49 -33.45
CA LYS B 395 2.29 -4.10 -34.20
C LYS B 395 3.59 -3.47 -33.69
N LEU B 396 4.52 -4.27 -33.26
CA LEU B 396 5.75 -3.71 -32.67
C LEU B 396 6.91 -3.64 -33.66
N PRO B 397 7.51 -2.47 -33.78
CA PRO B 397 8.81 -2.39 -34.49
C PRO B 397 9.78 -3.29 -33.76
N HIS B 398 10.72 -3.85 -34.52
CA HIS B 398 11.72 -4.66 -33.88
C HIS B 398 12.55 -3.85 -32.84
N GLY B 399 12.73 -4.44 -31.65
CA GLY B 399 13.45 -3.69 -30.59
C GLY B 399 12.49 -3.02 -29.63
N ALA B 400 11.24 -2.82 -30.04
CA ALA B 400 10.33 -2.06 -29.11
C ALA B 400 10.05 -3.05 -27.92
N ARG B 401 9.88 -2.52 -26.70
CA ARG B 401 9.63 -3.35 -25.49
C ARG B 401 8.23 -2.95 -25.01
N VAL B 402 7.47 -3.95 -24.58
CA VAL B 402 6.17 -3.69 -23.95
C VAL B 402 6.36 -4.32 -22.55
N GLU B 403 5.91 -3.57 -21.55
CA GLU B 403 5.89 -4.13 -20.15
C GLU B 403 4.45 -4.21 -19.70
N LEU B 404 4.10 -5.46 -19.34
CA LEU B 404 2.78 -5.82 -18.83
C LEU B 404 3.01 -6.49 -17.46
N GLU B 405 2.01 -6.34 -16.61
CA GLU B 405 2.06 -6.96 -15.27
C GLU B 405 0.85 -7.88 -15.17
N MET B 406 0.79 -8.88 -16.09
CA MET B 406 -0.39 -9.70 -16.23
C MET B 406 -0.52 -10.79 -15.17
N GLN B 407 0.53 -11.14 -14.34
CA GLN B 407 0.29 -12.19 -13.37
C GLN B 407 -0.14 -11.45 -12.06
N TRP B 408 0.62 -10.44 -11.64
CA TRP B 408 0.14 -9.74 -10.41
C TRP B 408 -1.09 -8.89 -10.67
N GLY B 409 -1.05 -8.04 -11.74
CA GLY B 409 -2.30 -7.31 -12.19
C GLY B 409 -2.75 -6.30 -11.16
N HIS B 410 -1.82 -5.53 -10.56
CA HIS B 410 -2.26 -4.49 -9.55
C HIS B 410 -2.49 -3.21 -10.32
N ILE B 411 -3.72 -2.75 -10.39
CA ILE B 411 -3.97 -1.49 -11.11
C ILE B 411 -3.23 -0.34 -10.45
N GLY B 412 -2.70 0.53 -11.28
CA GLY B 412 -1.84 1.62 -10.78
C GLY B 412 -0.35 1.27 -10.84
N TRP B 413 -0.01 0.00 -10.95
CA TRP B 413 1.43 -0.40 -11.08
C TRP B 413 2.07 0.50 -12.13
N SER B 414 1.35 0.75 -13.21
CA SER B 414 2.04 1.31 -14.44
C SER B 414 2.69 2.66 -14.25
N VAL B 415 2.16 3.48 -13.34
CA VAL B 415 2.70 4.86 -13.15
C VAL B 415 4.05 4.75 -12.54
N PRO B 416 4.16 4.22 -11.34
CA PRO B 416 5.50 4.12 -10.77
C PRO B 416 6.40 3.17 -11.64
N ALA B 417 5.83 2.13 -12.28
CA ALA B 417 6.73 1.26 -13.09
C ALA B 417 7.30 2.00 -14.27
N ALA B 418 6.53 2.93 -14.84
CA ALA B 418 7.03 3.74 -16.04
C ALA B 418 8.09 4.72 -15.52
N PHE B 419 7.91 5.26 -14.27
CA PHE B 419 8.90 6.15 -13.69
C PHE B 419 10.22 5.36 -13.50
N GLY B 420 10.14 4.13 -12.96
CA GLY B 420 11.42 3.42 -12.69
C GLY B 420 12.07 3.07 -14.07
N ASN B 421 11.26 2.59 -15.00
CA ASN B 421 11.85 2.22 -16.31
C ASN B 421 12.49 3.42 -16.97
N ALA B 422 11.84 4.60 -16.90
CA ALA B 422 12.41 5.81 -17.54
C ALA B 422 13.73 6.14 -16.93
N LEU B 423 13.91 5.89 -15.58
CA LEU B 423 15.23 6.12 -15.01
C LEU B 423 16.29 5.06 -15.35
N ALA B 424 15.90 3.80 -15.54
CA ALA B 424 16.80 2.72 -15.87
C ALA B 424 17.26 2.85 -17.31
N ALA B 425 16.39 3.37 -18.14
CA ALA B 425 16.67 3.30 -19.61
C ALA B 425 16.37 4.67 -20.26
N PRO B 426 17.17 5.68 -19.94
CA PRO B 426 16.83 7.04 -20.38
C PRO B 426 17.10 7.23 -21.90
N GLU B 427 17.86 6.31 -22.45
CA GLU B 427 18.12 6.37 -23.93
C GLU B 427 16.84 5.97 -24.70
N ARG B 428 15.80 5.44 -24.08
CA ARG B 428 14.62 4.99 -24.85
C ARG B 428 13.50 6.00 -24.79
N GLN B 429 12.48 5.83 -25.67
CA GLN B 429 11.30 6.62 -25.65
CA GLN B 429 11.28 6.67 -25.65
C GLN B 429 10.26 5.94 -24.80
N HIS B 430 9.91 6.54 -23.67
CA HIS B 430 8.91 5.91 -22.79
C HIS B 430 7.53 6.37 -22.98
N VAL B 431 6.59 5.41 -23.17
CA VAL B 431 5.20 5.74 -23.42
C VAL B 431 4.41 4.88 -22.39
N LEU B 432 3.39 5.45 -21.79
CA LEU B 432 2.61 4.82 -20.70
C LEU B 432 1.17 4.88 -21.10
N MET B 433 0.45 3.75 -21.09
CA MET B 433 -0.96 3.72 -21.37
CA MET B 433 -0.96 3.72 -21.37
C MET B 433 -1.62 3.30 -20.07
N VAL B 434 -2.42 4.22 -19.51
CA VAL B 434 -2.98 3.93 -18.14
C VAL B 434 -4.44 4.41 -18.13
N GLY B 435 -5.34 3.58 -17.56
CA GLY B 435 -6.75 4.02 -17.51
C GLY B 435 -6.94 4.97 -16.27
N ASP B 436 -8.03 5.69 -16.31
CA ASP B 436 -8.34 6.70 -15.33
C ASP B 436 -8.49 6.02 -13.91
N GLY B 437 -9.14 4.82 -13.83
CA GLY B 437 -9.30 4.16 -12.48
C GLY B 437 -7.97 3.77 -11.89
N SER B 438 -7.06 3.20 -12.69
CA SER B 438 -5.76 2.75 -12.26
C SER B 438 -4.93 3.97 -11.85
N PHE B 439 -4.99 5.02 -12.66
CA PHE B 439 -4.23 6.22 -12.37
C PHE B 439 -4.48 6.74 -10.99
N GLN B 440 -5.74 6.69 -10.56
CA GLN B 440 -6.04 7.22 -9.21
C GLN B 440 -5.30 6.47 -8.08
N LEU B 441 -4.81 5.24 -8.26
CA LEU B 441 -4.19 4.58 -7.09
C LEU B 441 -2.79 5.11 -6.82
N THR B 442 -2.09 5.57 -7.86
CA THR B 442 -0.67 5.88 -7.75
C THR B 442 -0.21 7.15 -8.49
N ALA B 443 -1.18 8.01 -8.83
CA ALA B 443 -0.94 9.25 -9.60
C ALA B 443 0.19 10.11 -9.14
N GLN B 444 0.42 10.10 -7.81
CA GLN B 444 1.45 11.06 -7.31
C GLN B 444 2.84 10.71 -7.85
N GLU B 445 3.04 9.51 -8.41
CA GLU B 445 4.44 9.28 -8.89
C GLU B 445 4.69 10.09 -10.21
N VAL B 446 3.65 10.65 -10.88
CA VAL B 446 3.91 11.60 -12.05
C VAL B 446 4.66 12.84 -11.48
N ALA B 447 4.42 13.20 -10.19
CA ALA B 447 5.13 14.35 -9.71
C ALA B 447 6.66 14.04 -9.59
N GLN B 448 6.98 12.77 -9.37
CA GLN B 448 8.41 12.38 -9.34
C GLN B 448 8.94 12.42 -10.77
N MET B 449 8.15 11.95 -11.73
CA MET B 449 8.59 12.07 -13.18
C MET B 449 8.97 13.53 -13.46
N ILE B 450 8.10 14.45 -13.03
CA ILE B 450 8.35 15.87 -13.20
C ILE B 450 9.58 16.32 -12.48
N ARG B 451 9.74 15.87 -11.22
CA ARG B 451 10.94 16.25 -10.44
C ARG B 451 12.26 15.88 -11.12
N HIS B 452 12.26 14.78 -11.90
CA HIS B 452 13.50 14.26 -12.58
C HIS B 452 13.49 14.53 -14.12
N ASP B 453 12.59 15.43 -14.53
CA ASP B 453 12.52 15.92 -15.92
C ASP B 453 12.49 14.74 -16.87
N LEU B 454 11.64 13.75 -16.56
CA LEU B 454 11.65 12.52 -17.40
C LEU B 454 10.57 12.67 -18.44
N PRO B 455 10.99 12.51 -19.73
CA PRO B 455 10.04 12.75 -20.80
C PRO B 455 9.17 11.53 -21.16
N VAL B 456 8.36 11.11 -20.19
CA VAL B 456 7.40 10.04 -20.42
C VAL B 456 6.12 10.60 -21.03
N ILE B 457 5.65 9.98 -22.14
CA ILE B 457 4.39 10.40 -22.67
C ILE B 457 3.31 9.47 -22.15
N ILE B 458 2.30 10.05 -21.51
CA ILE B 458 1.25 9.25 -20.83
C ILE B 458 -0.06 9.42 -21.52
N PHE B 459 -0.65 8.35 -21.97
CA PHE B 459 -2.00 8.45 -22.52
C PHE B 459 -2.87 7.98 -21.34
N LEU B 460 -3.68 8.90 -20.82
CA LEU B 460 -4.58 8.61 -19.75
C LEU B 460 -5.95 8.40 -20.38
N ILE B 461 -6.46 7.17 -20.26
CA ILE B 461 -7.70 6.89 -20.98
C ILE B 461 -8.88 7.19 -20.05
N ASN B 462 -9.54 8.31 -20.28
CA ASN B 462 -10.59 8.71 -19.35
C ASN B 462 -11.93 8.20 -19.94
N ASN B 463 -12.29 6.98 -19.52
CA ASN B 463 -13.62 6.48 -19.92
C ASN B 463 -14.53 6.44 -18.66
N HIS B 464 -14.18 7.23 -17.62
CA HIS B 464 -15.06 7.51 -16.44
C HIS B 464 -15.45 6.19 -15.71
N GLY B 465 -14.40 5.45 -15.38
CA GLY B 465 -14.54 4.31 -14.52
C GLY B 465 -13.78 3.05 -14.95
N TYR B 466 -14.12 1.91 -14.35
CA TYR B 466 -13.36 0.69 -14.52
C TYR B 466 -14.02 -0.15 -15.66
N THR B 467 -13.70 0.25 -16.89
CA THR B 467 -14.44 -0.38 -18.00
C THR B 467 -14.21 -1.90 -18.08
N ILE B 468 -12.99 -2.38 -17.78
CA ILE B 468 -12.69 -3.79 -17.81
C ILE B 468 -13.63 -4.54 -16.86
N GLU B 469 -13.90 -3.97 -15.67
CA GLU B 469 -14.88 -4.62 -14.74
CA GLU B 469 -14.88 -4.62 -14.76
C GLU B 469 -16.29 -4.41 -15.23
N VAL B 470 -16.62 -3.26 -15.83
CA VAL B 470 -17.90 -3.15 -16.33
C VAL B 470 -18.06 -4.49 -17.23
N MET B 471 -17.00 -4.98 -17.89
CA MET B 471 -17.19 -6.20 -18.82
C MET B 471 -16.95 -7.63 -18.28
N ILE B 472 -16.68 -7.73 -16.99
CA ILE B 472 -16.68 -8.96 -16.27
C ILE B 472 -18.08 -8.91 -15.56
N HIS B 473 -18.49 -7.75 -14.99
CA HIS B 473 -19.66 -7.74 -14.05
C HIS B 473 -20.00 -6.33 -13.53
N ASP B 474 -21.07 -5.70 -13.98
CA ASP B 474 -21.22 -4.28 -13.73
C ASP B 474 -21.95 -3.97 -12.40
N GLY B 475 -21.63 -2.82 -11.79
CA GLY B 475 -22.26 -2.40 -10.54
C GLY B 475 -21.74 -1.01 -10.20
N PRO B 476 -22.26 -0.42 -9.11
CA PRO B 476 -21.96 0.97 -8.77
C PRO B 476 -20.47 1.14 -8.34
N TYR B 477 -19.87 0.03 -7.99
CA TYR B 477 -18.42 0.01 -7.61
C TYR B 477 -17.51 0.21 -8.80
N ASN B 478 -18.07 0.25 -10.02
CA ASN B 478 -17.19 0.52 -11.14
C ASN B 478 -17.08 1.96 -11.52
N ASN B 479 -17.78 2.81 -10.81
CA ASN B 479 -17.74 4.25 -11.04
C ASN B 479 -16.63 4.88 -10.24
N VAL B 480 -16.05 5.93 -10.78
CA VAL B 480 -14.93 6.60 -10.06
C VAL B 480 -15.28 8.10 -10.01
N LYS B 481 -14.69 8.82 -9.03
CA LYS B 481 -14.76 10.26 -9.01
C LYS B 481 -13.91 10.76 -10.19
N ASN B 482 -14.48 11.54 -11.08
CA ASN B 482 -13.67 12.07 -12.20
C ASN B 482 -12.68 13.14 -11.71
N TRP B 483 -11.53 13.19 -12.32
CA TRP B 483 -10.58 14.29 -11.98
C TRP B 483 -10.35 15.04 -13.29
N ASP B 484 -9.81 16.28 -13.14
CA ASP B 484 -9.26 17.01 -14.34
C ASP B 484 -7.81 16.50 -14.51
N TYR B 485 -7.65 15.34 -15.18
CA TYR B 485 -6.31 14.69 -15.23
C TYR B 485 -5.30 15.57 -15.88
N ALA B 486 -5.71 16.21 -17.02
CA ALA B 486 -4.76 17.09 -17.67
C ALA B 486 -4.33 18.30 -16.75
N GLY B 487 -5.26 18.79 -15.94
CA GLY B 487 -4.98 19.97 -15.06
C GLY B 487 -4.05 19.56 -13.91
N LEU B 488 -3.99 18.25 -13.62
CA LEU B 488 -3.13 17.77 -12.52
C LEU B 488 -1.66 18.10 -12.80
N MET B 489 -1.26 18.16 -14.10
CA MET B 489 0.15 18.27 -14.35
C MET B 489 0.64 19.64 -13.78
N GLU B 490 -0.12 20.73 -13.97
CA GLU B 490 0.33 22.06 -13.48
CA GLU B 490 0.42 22.02 -13.54
C GLU B 490 0.35 22.03 -11.98
N VAL B 491 -0.55 21.28 -11.39
CA VAL B 491 -0.56 21.16 -9.92
C VAL B 491 0.71 20.50 -9.40
N PHE B 492 1.14 19.43 -10.08
CA PHE B 492 2.42 18.86 -9.65
C PHE B 492 3.62 19.71 -10.05
N ASN B 493 3.54 20.49 -11.16
CA ASN B 493 4.72 21.32 -11.42
C ASN B 493 4.90 22.38 -10.37
N ALA B 494 3.82 22.99 -9.92
CA ALA B 494 3.84 24.05 -8.85
C ALA B 494 4.88 25.14 -9.20
N GLY B 495 4.95 25.48 -10.48
CA GLY B 495 5.88 26.54 -10.96
C GLY B 495 7.31 26.05 -11.14
N GLU B 496 7.61 24.77 -10.90
CA GLU B 496 9.00 24.27 -10.92
C GLU B 496 8.98 22.87 -11.59
N GLY B 497 8.72 22.81 -12.89
CA GLY B 497 8.60 21.47 -13.49
C GLY B 497 8.13 21.71 -14.94
N ASN B 498 8.36 20.69 -15.73
CA ASN B 498 8.08 20.80 -17.20
C ASN B 498 6.98 19.84 -17.58
N GLY B 499 6.13 19.42 -16.60
CA GLY B 499 4.99 18.51 -16.90
C GLY B 499 4.02 19.33 -17.76
N LEU B 500 3.32 18.61 -18.66
CA LEU B 500 2.40 19.25 -19.60
C LEU B 500 1.17 18.37 -19.62
N GLY B 501 -0.02 18.96 -19.46
CA GLY B 501 -1.24 18.16 -19.48
C GLY B 501 -2.11 18.69 -20.63
N LEU B 502 -2.58 17.78 -21.47
CA LEU B 502 -3.34 18.11 -22.71
C LEU B 502 -4.59 17.26 -22.72
N ARG B 503 -5.61 17.68 -23.45
CA ARG B 503 -6.86 16.88 -23.55
C ARG B 503 -7.12 16.55 -25.02
N ALA B 504 -7.64 15.37 -25.25
CA ALA B 504 -7.90 14.98 -26.65
C ALA B 504 -9.30 14.36 -26.70
N ARG B 505 -10.21 15.00 -27.41
CA ARG B 505 -11.60 14.53 -27.52
CA ARG B 505 -11.57 14.48 -27.50
C ARG B 505 -11.93 14.12 -28.94
N THR B 506 -10.95 14.34 -29.82
CA THR B 506 -11.10 13.95 -31.22
C THR B 506 -9.77 13.41 -31.72
N GLY B 507 -9.76 12.76 -32.88
CA GLY B 507 -8.51 12.31 -33.47
C GLY B 507 -7.61 13.48 -33.82
N GLY B 508 -8.17 14.63 -34.25
CA GLY B 508 -7.32 15.79 -34.58
C GLY B 508 -6.65 16.42 -33.37
N GLU B 509 -7.40 16.43 -32.26
CA GLU B 509 -6.88 16.95 -30.97
C GLU B 509 -5.81 15.98 -30.48
N LEU B 510 -6.06 14.69 -30.68
CA LEU B 510 -5.02 13.70 -30.19
C LEU B 510 -3.78 13.87 -31.01
N ALA B 511 -3.93 14.04 -32.35
CA ALA B 511 -2.69 14.12 -33.11
C ALA B 511 -1.85 15.39 -32.76
N ALA B 512 -2.54 16.47 -32.55
CA ALA B 512 -1.87 17.71 -32.13
C ALA B 512 -1.24 17.54 -30.73
N ALA B 513 -1.98 16.83 -29.86
CA ALA B 513 -1.41 16.61 -28.49
C ALA B 513 -0.17 15.78 -28.59
N ILE B 514 -0.17 14.74 -29.48
CA ILE B 514 1.01 13.91 -29.59
C ILE B 514 2.22 14.73 -30.05
N GLU B 515 2.01 15.60 -31.08
CA GLU B 515 3.10 16.45 -31.55
C GLU B 515 3.67 17.28 -30.41
N GLN B 516 2.78 17.82 -29.60
CA GLN B 516 3.28 18.60 -28.45
C GLN B 516 4.03 17.77 -27.46
N ALA B 517 3.50 16.55 -27.20
CA ALA B 517 4.20 15.66 -26.29
C ALA B 517 5.62 15.31 -26.75
N ARG B 518 5.76 15.02 -28.06
CA ARG B 518 7.05 14.61 -28.58
C ARG B 518 8.02 15.74 -28.44
N ALA B 519 7.53 16.96 -28.47
CA ALA B 519 8.36 18.15 -28.37
C ALA B 519 8.70 18.53 -26.93
N ASN B 520 8.06 17.85 -25.95
CA ASN B 520 8.39 18.14 -24.51
C ASN B 520 9.56 17.25 -24.10
N ARG B 521 10.79 17.78 -24.21
CA ARG B 521 11.96 16.96 -24.01
C ARG B 521 12.40 16.82 -22.58
N ASN B 522 11.95 17.69 -21.68
CA ASN B 522 12.45 17.75 -20.32
CA ASN B 522 12.50 17.58 -20.29
C ASN B 522 11.39 17.52 -19.25
N GLY B 523 10.28 16.88 -19.61
CA GLY B 523 9.23 16.62 -18.56
C GLY B 523 8.21 15.71 -19.19
N PRO B 524 7.36 15.06 -18.39
CA PRO B 524 6.32 14.17 -18.87
C PRO B 524 5.11 14.97 -19.41
N THR B 525 4.41 14.33 -20.35
CA THR B 525 3.21 14.90 -20.92
C THR B 525 2.10 13.93 -20.69
N LEU B 526 0.97 14.40 -20.17
CA LEU B 526 -0.21 13.52 -20.01
C LEU B 526 -1.23 14.03 -20.97
N ILE B 527 -1.73 13.09 -21.78
CA ILE B 527 -2.77 13.41 -22.72
C ILE B 527 -4.00 12.68 -22.29
N GLU B 528 -5.01 13.43 -21.83
CA GLU B 528 -6.25 12.83 -21.36
C GLU B 528 -7.20 12.57 -22.52
N CYS B 529 -7.38 11.29 -22.84
CA CYS B 529 -8.16 10.87 -24.04
C CYS B 529 -9.51 10.50 -23.52
N THR B 530 -10.55 11.17 -23.98
CA THR B 530 -11.91 10.94 -23.51
CA THR B 530 -11.88 10.85 -23.46
C THR B 530 -12.58 9.83 -24.40
N LEU B 531 -13.02 8.72 -23.79
CA LEU B 531 -13.72 7.65 -24.54
C LEU B 531 -14.99 7.34 -23.80
N ASP B 532 -16.03 6.84 -24.52
CA ASP B 532 -17.24 6.32 -23.83
C ASP B 532 -16.85 5.09 -23.00
N ARG B 533 -17.57 4.90 -21.89
CA ARG B 533 -17.37 3.77 -21.05
C ARG B 533 -17.48 2.43 -21.74
N ASP B 534 -18.34 2.31 -22.78
CA ASP B 534 -18.46 1.02 -23.44
CA ASP B 534 -18.53 1.07 -23.51
C ASP B 534 -17.67 0.93 -24.76
N ASP B 535 -16.80 1.94 -25.02
CA ASP B 535 -16.03 1.92 -26.22
C ASP B 535 -14.68 1.28 -25.90
N CYS B 536 -14.69 -0.04 -25.95
CA CYS B 536 -13.42 -0.74 -25.64
C CYS B 536 -13.17 -1.76 -26.75
N THR B 537 -12.06 -2.48 -26.66
CA THR B 537 -11.80 -3.56 -27.68
C THR B 537 -12.84 -4.64 -27.64
N GLN B 538 -13.09 -5.27 -28.80
CA GLN B 538 -13.93 -6.47 -28.80
CA GLN B 538 -13.90 -6.47 -28.86
C GLN B 538 -13.34 -7.59 -27.96
N GLU B 539 -12.02 -7.71 -27.97
CA GLU B 539 -11.35 -8.79 -27.23
C GLU B 539 -11.63 -8.66 -25.75
N LEU B 540 -11.58 -7.46 -25.22
CA LEU B 540 -11.92 -7.32 -23.78
CA LEU B 540 -11.91 -7.31 -23.79
C LEU B 540 -13.29 -7.95 -23.48
N VAL B 541 -14.27 -7.68 -24.31
CA VAL B 541 -15.63 -8.19 -24.01
C VAL B 541 -15.69 -9.70 -24.13
N THR B 542 -15.06 -10.26 -25.14
CA THR B 542 -15.09 -11.72 -25.32
C THR B 542 -14.28 -12.43 -24.20
N TRP B 543 -13.07 -11.90 -23.91
CA TRP B 543 -12.27 -12.46 -22.79
C TRP B 543 -12.96 -12.32 -21.44
N GLY B 544 -13.53 -11.15 -21.15
CA GLY B 544 -14.12 -10.77 -19.86
C GLY B 544 -15.24 -11.77 -19.56
N LYS B 545 -16.07 -12.09 -20.57
CA LYS B 545 -17.19 -13.05 -20.41
CA LYS B 545 -17.19 -12.99 -20.24
C LYS B 545 -16.66 -14.39 -19.89
N ARG B 546 -15.60 -14.85 -20.57
CA ARG B 546 -15.08 -16.20 -20.35
CA ARG B 546 -15.12 -16.22 -20.38
C ARG B 546 -14.41 -16.32 -19.03
N VAL B 547 -13.67 -15.28 -18.69
CA VAL B 547 -13.00 -15.31 -17.41
CA VAL B 547 -13.00 -15.30 -17.37
C VAL B 547 -13.99 -15.08 -16.24
N ALA B 548 -15.00 -14.23 -16.35
CA ALA B 548 -16.03 -14.12 -15.36
C ALA B 548 -16.80 -15.47 -15.11
N ALA B 549 -17.06 -16.18 -16.19
CA ALA B 549 -17.83 -17.44 -16.09
C ALA B 549 -16.94 -18.44 -15.32
N ALA B 550 -15.62 -18.42 -15.61
CA ALA B 550 -14.73 -19.29 -14.87
C ALA B 550 -14.66 -18.95 -13.39
N ASN B 551 -14.44 -17.70 -12.99
CA ASN B 551 -14.50 -17.28 -11.61
C ASN B 551 -15.76 -17.68 -10.89
N ALA B 552 -16.93 -17.58 -11.61
CA ALA B 552 -18.20 -17.76 -10.92
C ALA B 552 -18.58 -19.27 -10.87
N ARG B 553 -17.84 -20.15 -11.49
CA ARG B 553 -18.39 -21.51 -11.68
C ARG B 553 -18.72 -22.18 -10.29
N PRO B 554 -19.81 -22.95 -10.25
CA PRO B 554 -20.48 -23.09 -8.92
C PRO B 554 -19.81 -24.15 -8.08
N PRO B 555 -19.92 -24.02 -6.71
CA PRO B 555 -19.15 -24.99 -5.86
C PRO B 555 -19.46 -26.45 -6.27
N ARG B 556 -18.46 -27.35 -6.18
CA ARG B 556 -18.54 -28.73 -6.67
C ARG B 556 -19.59 -28.98 -7.79
#